data_7YCK
#
_entry.id   7YCK
#
_cell.length_a   58.830
_cell.length_b   79.124
_cell.length_c   92.539
_cell.angle_alpha   76.260
_cell.angle_beta   81.160
_cell.angle_gamma   71.130
#
_symmetry.space_group_name_H-M   'P 1'
#
loop_
_entity.id
_entity.type
_entity.pdbx_description
1 polymer 'Spike protein S1'
2 polymer 'FP-12A Fab heavy chain'
3 polymer 'FP-12A Fab light chain'
4 branched beta-D-mannopyranose-(1-4)-2-acetamido-2-deoxy-beta-D-glucopyranose-(1-4)-[alpha-L-fucopyranose-(1-6)]2-acetamido-2-deoxy-beta-D-glucopyranose
5 branched 2-acetamido-2-deoxy-beta-D-glucopyranose-(1-4)-[alpha-L-fucopyranose-(1-6)]2-acetamido-2-deoxy-beta-D-glucopyranose
6 water water
#
loop_
_entity_poly.entity_id
_entity_poly.type
_entity_poly.pdbx_seq_one_letter_code
_entity_poly.pdbx_strand_id
1 'polypeptide(L)'
;TNLCPFGEVFNATRFASVYAWNRKRISNCVADYSVLYNSASFSTFKCYGVSPTKLNDLCFTNVYADSFVIRGDEVRQIAP
GQTGKIADYNYKLPDDFTGCVIAWNSNNLDSKVGGNYNYLYRLFRKSNLKPFERDISTEIYQAGSTPCNGVEGFNCYFPL
QSYGFQPTNGVGYQPYRVVVLSFELLHAPATVCGPKKSHHHHHH
;
A,B
2 'polypeptide(L)'
;EVQLVESGGGVVQPGRSLRLSCAASGFTFSSYGMHWVRQAPGKGLEWVAVISYDGSNKYYADSVKGRFTISRDNSKNTLY
LQMNSLRAEDTAVYYCANGFGEYYYYAMDVWGQGTTVTVSSASTKGPSVFPLAPSSKSTSGGTAALGCLVKDYFPEPVTV
SWNSGALTSGVHTFPAVLQSSGLYSLSSVVTVPSSSLGTQTYICNVNHKPSNTKVDKKVEPKSC
;
C,E
3 'polypeptide(L)'
;NFMLTQPHSVSESPGKTVTISCTGSSGSIASNYVQWYQRRPGSAPTTVIYEDNQRPSGVPDRFSASIDSSSNSASLTISG
LKTEDEADYYCQSYDSSNWVFGGGTKLTVLGQPKAAPSVTLFPPSSEELQANKATLVCLISDFYPGAVTVAWKADSSPVK
AGVETTTPSKQSNNKYAASSYLSLTPEQWKSHRSYSCQVTHEGSTVEKTVAPTECS
;
D,F
#
loop_
_chem_comp.id
_chem_comp.type
_chem_comp.name
_chem_comp.formula
BMA D-saccharide, beta linking beta-D-mannopyranose 'C6 H12 O6'
FUC L-saccharide, alpha linking alpha-L-fucopyranose 'C6 H12 O5'
NAG D-saccharide, beta linking 2-acetamido-2-deoxy-beta-D-glucopyranose 'C8 H15 N O6'
#
# COMPACT_ATOMS: atom_id res chain seq x y z
N THR A 1 -42.51 9.45 19.45
CA THR A 1 -41.27 9.10 20.14
C THR A 1 -41.51 8.13 21.29
N ASN A 2 -41.93 6.91 20.96
CA ASN A 2 -41.91 5.83 21.94
C ASN A 2 -40.51 5.19 21.92
N LEU A 3 -39.53 6.00 22.33
CA LEU A 3 -38.14 5.58 22.37
C LEU A 3 -37.83 5.07 23.77
N CYS A 4 -37.17 3.92 23.85
CA CYS A 4 -36.89 3.32 25.15
C CYS A 4 -35.96 4.23 25.96
N PRO A 5 -36.25 4.44 27.25
CA PRO A 5 -35.49 5.40 28.08
C PRO A 5 -34.20 4.83 28.65
N PHE A 6 -33.32 4.35 27.76
CA PHE A 6 -32.06 3.78 28.22
C PHE A 6 -31.09 4.84 28.72
N GLY A 7 -30.97 5.95 27.99
CA GLY A 7 -30.06 7.01 28.40
C GLY A 7 -30.34 7.55 29.78
N GLU A 8 -31.61 7.57 30.18
CA GLU A 8 -31.96 8.08 31.50
C GLU A 8 -31.56 7.10 32.60
N VAL A 9 -31.49 5.81 32.28
CA VAL A 9 -30.92 4.85 33.23
C VAL A 9 -29.44 5.13 33.45
N PHE A 10 -28.73 5.54 32.40
CA PHE A 10 -27.28 5.72 32.51
C PHE A 10 -26.90 7.06 33.12
N ASN A 11 -27.61 8.14 32.79
CA ASN A 11 -27.23 9.48 33.22
C ASN A 11 -27.98 9.97 34.46
N ALA A 12 -28.64 9.05 35.18
CA ALA A 12 -29.33 9.44 36.40
C ALA A 12 -28.38 10.08 37.40
N THR A 13 -28.88 11.09 38.12
CA THR A 13 -28.07 11.77 39.12
C THR A 13 -27.79 10.87 40.31
N ARG A 14 -28.78 10.10 40.74
CA ARG A 14 -28.66 9.25 41.92
C ARG A 14 -28.72 7.78 41.52
N PHE A 15 -27.88 6.97 42.15
CA PHE A 15 -27.88 5.52 41.98
C PHE A 15 -28.15 4.84 43.31
N ALA A 16 -28.83 3.69 43.24
CA ALA A 16 -29.21 2.97 44.44
C ALA A 16 -28.02 2.25 45.06
N SER A 17 -28.12 1.98 46.35
CA SER A 17 -27.22 1.05 47.00
C SER A 17 -27.45 -0.36 46.45
N VAL A 18 -26.39 -1.16 46.42
CA VAL A 18 -26.44 -2.46 45.76
C VAL A 18 -27.44 -3.38 46.44
N TYR A 19 -27.56 -3.29 47.77
CA TYR A 19 -28.50 -4.17 48.46
C TYR A 19 -29.95 -3.84 48.09
N ALA A 20 -30.21 -2.58 47.74
CA ALA A 20 -31.54 -2.17 47.29
C ALA A 20 -31.48 -1.76 45.83
N TRP A 21 -30.88 -2.61 45.00
CA TRP A 21 -30.61 -2.26 43.61
C TRP A 21 -31.91 -1.91 42.89
N ASN A 22 -31.84 -0.88 42.06
CA ASN A 22 -33.02 -0.39 41.36
C ASN A 22 -33.26 -1.19 40.08
N ARG A 23 -34.53 -1.48 39.82
CA ARG A 23 -34.95 -2.12 38.58
C ARG A 23 -35.97 -1.22 37.87
N LYS A 24 -35.66 -0.88 36.63
CA LYS A 24 -36.57 -0.14 35.75
C LYS A 24 -36.99 -1.07 34.63
N ARG A 25 -38.29 -1.37 34.55
CA ARG A 25 -38.80 -2.16 33.43
C ARG A 25 -38.94 -1.26 32.20
N ILE A 26 -38.39 -1.72 31.09
CA ILE A 26 -38.44 -1.01 29.81
C ILE A 26 -39.41 -1.76 28.91
N SER A 27 -40.48 -1.10 28.50
CA SER A 27 -41.49 -1.78 27.69
C SER A 27 -42.13 -0.81 26.69
N ASN A 28 -42.70 -1.41 25.64
CA ASN A 28 -43.57 -0.71 24.70
C ASN A 28 -42.89 0.51 24.09
N CYS A 29 -41.71 0.28 23.53
CA CYS A 29 -40.92 1.38 22.99
C CYS A 29 -39.94 0.83 21.97
N VAL A 30 -39.37 1.74 21.19
CA VAL A 30 -38.29 1.42 20.27
C VAL A 30 -36.97 1.62 21.01
N ALA A 31 -36.09 0.63 20.92
CA ALA A 31 -34.85 0.64 21.68
C ALA A 31 -33.81 1.48 20.95
N ASP A 32 -33.18 2.40 21.68
CA ASP A 32 -32.13 3.22 21.09
C ASP A 32 -30.79 2.49 21.12
N TYR A 33 -30.22 2.32 22.32
CA TYR A 33 -28.96 1.64 22.64
C TYR A 33 -27.74 2.49 22.29
N SER A 34 -27.92 3.70 21.77
CA SER A 34 -26.76 4.49 21.34
C SER A 34 -25.80 4.80 22.48
N VAL A 35 -26.27 4.81 23.73
CA VAL A 35 -25.39 5.03 24.87
C VAL A 35 -24.37 3.91 24.98
N LEU A 36 -24.70 2.71 24.50
CA LEU A 36 -23.77 1.60 24.53
C LEU A 36 -22.67 1.72 23.48
N TYR A 37 -22.83 2.60 22.48
CA TYR A 37 -21.89 2.67 21.38
C TYR A 37 -20.53 3.21 21.81
N ASN A 38 -20.51 4.05 22.85
CA ASN A 38 -19.27 4.70 23.30
C ASN A 38 -18.60 3.86 24.38
N SER A 39 -17.93 2.79 23.93
CA SER A 39 -17.27 1.87 24.85
C SER A 39 -16.16 2.53 25.65
N ALA A 40 -15.68 3.71 25.22
CA ALA A 40 -14.57 4.35 25.93
C ALA A 40 -14.98 4.93 27.28
N SER A 41 -16.26 5.22 27.47
CA SER A 41 -16.75 5.80 28.72
C SER A 41 -17.13 4.75 29.74
N PHE A 42 -16.86 3.47 29.47
CA PHE A 42 -17.13 2.38 30.39
C PHE A 42 -15.84 1.71 30.80
N SER A 43 -15.82 1.17 32.02
CA SER A 43 -14.68 0.38 32.49
C SER A 43 -14.83 -1.10 32.15
N THR A 44 -16.06 -1.61 32.14
CA THR A 44 -16.32 -2.98 31.69
C THR A 44 -17.58 -2.99 30.83
N PHE A 45 -17.52 -3.72 29.72
CA PHE A 45 -18.65 -3.87 28.81
C PHE A 45 -18.66 -5.29 28.28
N LYS A 46 -19.66 -6.08 28.70
CA LYS A 46 -19.77 -7.48 28.31
C LYS A 46 -21.24 -7.84 28.20
N CYS A 47 -21.60 -8.52 27.13
CA CYS A 47 -22.92 -9.12 27.00
C CYS A 47 -22.81 -10.63 27.15
N TYR A 48 -23.95 -11.27 27.35
CA TYR A 48 -24.02 -12.71 27.62
C TYR A 48 -25.23 -13.28 26.92
N GLY A 49 -25.03 -14.37 26.18
CA GLY A 49 -26.14 -14.96 25.45
C GLY A 49 -26.63 -14.12 24.30
N VAL A 50 -25.86 -13.13 23.87
CA VAL A 50 -26.24 -12.22 22.80
C VAL A 50 -25.03 -11.37 22.44
N SER A 51 -24.94 -10.98 21.17
CA SER A 51 -23.86 -10.06 20.84
C SER A 51 -24.40 -8.64 20.81
N PRO A 52 -23.65 -7.67 21.33
CA PRO A 52 -24.10 -6.27 21.25
C PRO A 52 -24.41 -5.82 19.83
N THR A 53 -23.66 -6.31 18.84
CA THR A 53 -23.87 -5.94 17.44
C THR A 53 -25.15 -6.51 16.85
N LYS A 54 -25.90 -7.34 17.58
CA LYS A 54 -27.17 -7.85 17.10
C LYS A 54 -28.38 -7.19 17.77
N LEU A 55 -28.16 -6.33 18.77
CA LEU A 55 -29.28 -5.78 19.53
C LEU A 55 -30.21 -4.94 18.66
N ASN A 56 -29.66 -4.23 17.68
CA ASN A 56 -30.46 -3.32 16.87
C ASN A 56 -31.44 -4.04 15.94
N ASP A 57 -31.31 -5.36 15.76
CA ASP A 57 -32.22 -6.10 14.89
C ASP A 57 -33.01 -7.16 15.68
N LEU A 58 -33.17 -6.97 16.98
CA LEU A 58 -33.82 -7.96 17.83
C LEU A 58 -35.00 -7.34 18.55
N CYS A 59 -35.92 -8.20 18.97
CA CYS A 59 -37.12 -7.80 19.69
C CYS A 59 -37.22 -8.62 20.97
N PHE A 60 -37.80 -8.02 22.00
CA PHE A 60 -37.88 -8.66 23.30
C PHE A 60 -39.22 -8.34 23.94
N THR A 61 -39.68 -9.25 24.79
CA THR A 61 -40.92 -9.01 25.52
C THR A 61 -40.74 -7.89 26.53
N ASN A 62 -39.63 -7.90 27.26
CA ASN A 62 -39.33 -6.83 28.20
C ASN A 62 -37.81 -6.68 28.29
N VAL A 63 -37.37 -5.47 28.62
CA VAL A 63 -36.00 -5.23 29.04
C VAL A 63 -36.05 -4.69 30.47
N TYR A 64 -35.23 -5.25 31.34
CA TYR A 64 -35.05 -4.73 32.69
C TYR A 64 -33.69 -4.06 32.77
N ALA A 65 -33.65 -2.87 33.34
CA ALA A 65 -32.41 -2.15 33.60
C ALA A 65 -32.20 -2.10 35.09
N ASP A 66 -31.21 -2.84 35.59
CA ASP A 66 -30.84 -2.81 36.99
C ASP A 66 -29.58 -1.97 37.15
N SER A 67 -29.57 -1.12 38.18
CA SER A 67 -28.45 -0.22 38.40
C SER A 67 -28.21 -0.07 39.90
N PHE A 68 -26.94 0.21 40.24
CA PHE A 68 -26.50 0.30 41.63
C PHE A 68 -25.04 0.74 41.67
N VAL A 69 -24.51 0.95 42.88
CA VAL A 69 -23.11 1.32 43.09
C VAL A 69 -22.43 0.26 43.94
N ILE A 70 -21.20 -0.10 43.54
CA ILE A 70 -20.32 -0.99 44.29
C ILE A 70 -18.91 -0.43 44.17
N ARG A 71 -17.96 -1.07 44.85
CA ARG A 71 -16.59 -0.61 44.71
C ARG A 71 -15.87 -1.38 43.59
N GLY A 72 -14.64 -0.93 43.30
CA GLY A 72 -13.99 -1.35 42.07
C GLY A 72 -13.69 -2.83 42.00
N ASP A 73 -13.01 -3.37 43.01
CA ASP A 73 -12.64 -4.79 42.96
C ASP A 73 -13.84 -5.73 43.03
N GLU A 74 -15.07 -5.20 43.14
CA GLU A 74 -16.27 -6.03 43.22
C GLU A 74 -17.04 -6.10 41.91
N VAL A 75 -16.64 -5.32 40.91
CA VAL A 75 -17.38 -5.31 39.64
C VAL A 75 -17.29 -6.65 38.94
N ARG A 76 -16.17 -7.38 39.10
CA ARG A 76 -16.04 -8.70 38.50
C ARG A 76 -17.14 -9.66 38.94
N GLN A 77 -17.79 -9.38 40.07
CA GLN A 77 -18.85 -10.25 40.56
C GLN A 77 -20.18 -10.04 39.85
N ILE A 78 -20.33 -8.96 39.09
CA ILE A 78 -21.56 -8.74 38.32
C ILE A 78 -21.43 -9.50 37.01
N ALA A 79 -21.44 -10.83 37.09
CA ALA A 79 -21.32 -11.70 35.94
C ALA A 79 -21.88 -13.06 36.33
N PRO A 80 -22.39 -13.84 35.37
CA PRO A 80 -22.93 -15.16 35.72
C PRO A 80 -21.86 -16.05 36.33
N GLY A 81 -22.24 -16.79 37.37
CA GLY A 81 -21.37 -17.77 37.98
C GLY A 81 -20.37 -17.23 38.99
N GLN A 82 -20.51 -15.99 39.43
CA GLN A 82 -19.53 -15.38 40.32
C GLN A 82 -19.94 -15.57 41.77
N THR A 83 -18.98 -15.38 42.67
CA THR A 83 -19.20 -15.43 44.11
C THR A 83 -18.52 -14.25 44.77
N GLY A 84 -18.83 -14.04 46.05
CA GLY A 84 -18.39 -12.88 46.79
C GLY A 84 -19.57 -12.22 47.49
N LYS A 85 -19.25 -11.17 48.25
CA LYS A 85 -20.29 -10.52 49.05
C LYS A 85 -21.39 -9.93 48.18
N ILE A 86 -21.02 -9.35 47.05
CA ILE A 86 -22.02 -8.79 46.14
C ILE A 86 -22.84 -9.90 45.51
N ALA A 87 -22.18 -10.90 44.94
CA ALA A 87 -22.90 -11.93 44.19
C ALA A 87 -23.69 -12.86 45.10
N ASP A 88 -23.22 -13.08 46.34
CA ASP A 88 -23.96 -13.93 47.26
C ASP A 88 -25.14 -13.20 47.90
N TYR A 89 -24.88 -12.01 48.45
CA TYR A 89 -25.81 -11.37 49.37
C TYR A 89 -26.49 -10.11 48.84
N ASN A 90 -26.10 -9.62 47.67
CA ASN A 90 -26.60 -8.32 47.22
C ASN A 90 -27.27 -8.38 45.85
N TYR A 91 -26.59 -8.90 44.83
CA TYR A 91 -27.14 -8.95 43.49
C TYR A 91 -26.56 -10.15 42.77
N LYS A 92 -27.42 -11.10 42.41
CA LYS A 92 -27.01 -12.37 41.82
C LYS A 92 -27.56 -12.48 40.40
N LEU A 93 -26.65 -12.70 39.45
CA LEU A 93 -27.05 -12.98 38.07
C LEU A 93 -27.22 -14.48 37.88
N PRO A 94 -28.21 -14.89 37.07
CA PRO A 94 -28.39 -16.31 36.79
C PRO A 94 -27.26 -16.84 35.90
N ASP A 95 -27.09 -18.17 35.95
CA ASP A 95 -26.08 -18.81 35.13
C ASP A 95 -26.40 -18.66 33.65
N ASP A 96 -27.68 -18.72 33.28
CA ASP A 96 -28.12 -18.55 31.91
C ASP A 96 -28.48 -17.09 31.57
N PHE A 97 -27.71 -16.15 32.10
CA PHE A 97 -28.01 -14.73 31.90
C PHE A 97 -28.00 -14.38 30.42
N THR A 98 -28.98 -13.58 30.00
CA THR A 98 -29.03 -13.03 28.65
C THR A 98 -29.17 -11.51 28.79
N GLY A 99 -28.08 -10.80 28.54
CA GLY A 99 -28.07 -9.37 28.69
C GLY A 99 -26.63 -8.87 28.70
N CYS A 100 -26.49 -7.61 29.10
CA CYS A 100 -25.19 -6.97 29.13
C CYS A 100 -24.93 -6.34 30.49
N VAL A 101 -23.66 -6.28 30.86
CA VAL A 101 -23.21 -5.64 32.09
C VAL A 101 -22.33 -4.45 31.72
N ILE A 102 -22.67 -3.28 32.24
CA ILE A 102 -21.95 -2.05 31.94
C ILE A 102 -21.59 -1.38 33.27
N ALA A 103 -20.36 -0.86 33.36
CA ALA A 103 -19.91 -0.17 34.56
C ALA A 103 -18.89 0.88 34.18
N TRP A 104 -18.79 1.91 35.01
CA TRP A 104 -17.78 2.93 34.84
C TRP A 104 -17.38 3.47 36.20
N ASN A 105 -16.16 4.01 36.26
CA ASN A 105 -15.67 4.64 37.47
C ASN A 105 -16.44 5.94 37.74
N SER A 106 -17.09 6.03 38.89
CA SER A 106 -17.88 7.20 39.27
C SER A 106 -17.29 7.88 40.50
N ASN A 107 -15.95 7.88 40.60
CA ASN A 107 -15.30 8.53 41.74
C ASN A 107 -15.62 10.01 41.79
N ASN A 108 -15.73 10.66 40.64
CA ASN A 108 -16.05 12.08 40.55
C ASN A 108 -17.50 12.41 40.91
N LEU A 109 -18.32 11.43 41.28
CA LEU A 109 -19.71 11.66 41.69
C LEU A 109 -20.02 11.15 43.09
N ASP A 110 -19.43 10.02 43.47
CA ASP A 110 -19.91 9.26 44.61
C ASP A 110 -18.89 9.18 45.73
N SER A 111 -17.75 9.85 45.61
CA SER A 111 -16.77 9.94 46.68
C SER A 111 -16.66 11.39 47.16
N LYS A 112 -16.59 11.55 48.49
CA LYS A 112 -16.45 12.86 49.12
C LYS A 112 -15.22 12.86 50.01
N VAL A 113 -14.69 14.06 50.26
CA VAL A 113 -13.41 14.19 50.94
C VAL A 113 -13.45 13.52 52.32
N GLY A 114 -14.51 13.78 53.09
CA GLY A 114 -14.63 13.09 54.35
C GLY A 114 -15.02 11.63 54.22
N GLY A 115 -15.23 11.16 52.99
CA GLY A 115 -15.74 9.84 52.72
C GLY A 115 -17.24 9.83 52.56
N ASN A 116 -17.73 9.25 51.47
CA ASN A 116 -19.16 9.09 51.26
C ASN A 116 -19.57 7.79 51.94
N TYR A 117 -20.56 7.88 52.83
CA TYR A 117 -21.05 6.72 53.56
C TYR A 117 -22.51 6.40 53.28
N ASN A 118 -23.12 7.04 52.28
CA ASN A 118 -24.52 6.79 51.97
C ASN A 118 -24.74 5.49 51.21
N TYR A 119 -23.72 4.95 50.54
CA TYR A 119 -23.86 3.71 49.79
C TYR A 119 -23.61 2.52 50.70
N LEU A 120 -24.59 1.62 50.78
CA LEU A 120 -24.53 0.47 51.66
C LEU A 120 -24.48 -0.83 50.86
N TYR A 121 -24.03 -1.89 51.54
CA TYR A 121 -24.10 -3.24 51.02
C TYR A 121 -24.41 -4.19 52.18
N ARG A 122 -24.95 -5.35 51.84
CA ARG A 122 -25.23 -6.37 52.83
C ARG A 122 -23.99 -7.22 53.08
N LEU A 123 -23.59 -7.32 54.35
CA LEU A 123 -22.40 -8.07 54.73
C LEU A 123 -22.69 -9.54 54.99
N PHE A 124 -23.88 -9.86 55.47
CA PHE A 124 -24.19 -11.19 55.98
C PHE A 124 -25.58 -11.58 55.51
N ARG A 125 -25.79 -12.88 55.35
CA ARG A 125 -27.11 -13.40 55.00
C ARG A 125 -27.13 -14.89 55.28
N LYS A 126 -28.27 -15.37 55.80
CA LYS A 126 -28.42 -16.79 56.13
C LYS A 126 -28.22 -17.68 54.91
N SER A 127 -28.36 -17.14 53.70
CA SER A 127 -28.23 -17.93 52.49
C SER A 127 -28.00 -17.00 51.31
N ASN A 128 -27.50 -17.57 50.22
CA ASN A 128 -27.27 -16.78 49.02
C ASN A 128 -28.58 -16.33 48.41
N LEU A 129 -28.53 -15.19 47.72
CA LEU A 129 -29.69 -14.75 46.96
C LEU A 129 -29.90 -15.65 45.76
N LYS A 130 -31.15 -15.89 45.42
CA LYS A 130 -31.47 -16.50 44.15
C LYS A 130 -31.33 -15.45 43.05
N PRO A 131 -31.11 -15.86 41.81
CA PRO A 131 -30.89 -14.88 40.74
C PRO A 131 -32.00 -13.84 40.66
N PHE A 132 -31.59 -12.57 40.69
CA PHE A 132 -32.45 -11.40 40.58
C PHE A 132 -33.32 -11.18 41.82
N GLU A 133 -32.95 -11.77 42.95
CA GLU A 133 -33.61 -11.51 44.21
C GLU A 133 -33.06 -10.24 44.86
N ARG A 134 -33.92 -9.55 45.61
CA ARG A 134 -33.53 -8.36 46.34
C ARG A 134 -33.91 -8.50 47.81
N ASP A 135 -32.99 -8.09 48.69
CA ASP A 135 -33.15 -8.23 50.14
C ASP A 135 -32.86 -6.87 50.78
N ILE A 136 -33.89 -6.21 51.29
CA ILE A 136 -33.74 -4.91 51.92
C ILE A 136 -34.10 -4.96 53.41
N SER A 137 -34.23 -6.15 53.99
CA SER A 137 -34.52 -6.26 55.41
C SER A 137 -33.25 -6.00 56.23
N THR A 138 -33.45 -5.66 57.50
CA THR A 138 -32.37 -5.25 58.38
C THR A 138 -32.46 -5.95 59.73
N GLU A 139 -32.81 -7.24 59.72
CA GLU A 139 -32.77 -8.02 60.94
C GLU A 139 -31.32 -8.21 61.39
N ILE A 140 -31.10 -8.23 62.70
CA ILE A 140 -29.75 -8.44 63.21
C ILE A 140 -29.29 -9.84 62.83
N TYR A 141 -28.10 -9.94 62.27
CA TYR A 141 -27.58 -11.22 61.82
C TYR A 141 -26.92 -11.95 62.96
N GLN A 142 -27.36 -13.18 63.20
CA GLN A 142 -26.80 -14.03 64.25
C GLN A 142 -25.61 -14.77 63.66
N ALA A 143 -24.40 -14.30 63.97
CA ALA A 143 -23.19 -14.89 63.41
C ALA A 143 -22.70 -16.10 64.18
N GLY A 144 -23.15 -16.28 65.42
CA GLY A 144 -22.69 -17.38 66.24
C GLY A 144 -23.79 -18.35 66.61
N SER A 145 -23.52 -19.22 67.59
CA SER A 145 -24.49 -20.21 68.02
C SER A 145 -25.54 -19.62 68.96
N THR A 146 -25.24 -18.50 69.61
CA THR A 146 -26.12 -17.88 70.59
C THR A 146 -27.05 -16.89 69.89
N PRO A 147 -28.35 -16.98 70.09
CA PRO A 147 -29.28 -16.10 69.37
C PRO A 147 -29.24 -14.68 69.89
N CYS A 148 -29.46 -13.73 68.99
CA CYS A 148 -29.67 -12.34 69.35
C CYS A 148 -31.15 -12.09 69.56
N ASN A 149 -31.46 -11.15 70.45
CA ASN A 149 -32.85 -10.78 70.66
C ASN A 149 -33.10 -9.38 70.10
N GLY A 150 -32.79 -9.19 68.82
CA GLY A 150 -32.87 -7.88 68.20
C GLY A 150 -31.85 -6.88 68.68
N VAL A 151 -30.85 -7.32 69.44
CA VAL A 151 -29.84 -6.45 70.02
C VAL A 151 -28.51 -6.71 69.34
N GLU A 152 -27.80 -5.64 69.00
CA GLU A 152 -26.49 -5.77 68.40
C GLU A 152 -25.45 -6.14 69.46
N GLY A 153 -24.26 -6.48 69.00
CA GLY A 153 -23.16 -6.75 69.89
C GLY A 153 -22.17 -7.69 69.22
N PHE A 154 -21.41 -8.40 70.05
CA PHE A 154 -20.50 -9.42 69.53
C PHE A 154 -21.29 -10.55 68.88
N ASN A 155 -20.92 -10.89 67.66
CA ASN A 155 -21.54 -11.97 66.90
C ASN A 155 -23.03 -11.73 66.66
N CYS A 156 -23.45 -10.46 66.70
CA CYS A 156 -24.85 -10.07 66.50
C CYS A 156 -24.80 -8.74 65.76
N TYR A 157 -24.81 -8.82 64.43
CA TYR A 157 -24.36 -7.72 63.59
C TYR A 157 -25.52 -7.11 62.82
N PHE A 158 -25.50 -5.78 62.72
CA PHE A 158 -26.34 -5.12 61.74
C PHE A 158 -25.90 -5.56 60.35
N PRO A 159 -26.84 -6.02 59.50
CA PRO A 159 -26.42 -6.73 58.28
C PRO A 159 -25.95 -5.82 57.17
N LEU A 160 -26.24 -4.53 57.22
CA LEU A 160 -25.80 -3.60 56.19
C LEU A 160 -24.60 -2.81 56.70
N GLN A 161 -23.54 -2.78 55.90
CA GLN A 161 -22.37 -1.98 56.22
C GLN A 161 -22.16 -0.96 55.11
N SER A 162 -21.44 0.10 55.42
CA SER A 162 -21.32 1.25 54.53
C SER A 162 -19.98 1.26 53.83
N TYR A 163 -20.01 1.60 52.53
CA TYR A 163 -18.78 1.88 51.81
C TYR A 163 -18.15 3.15 52.33
N GLY A 164 -16.84 3.25 52.19
CA GLY A 164 -16.14 4.49 52.47
C GLY A 164 -15.50 5.04 51.21
N PHE A 165 -16.25 5.80 50.44
CA PHE A 165 -15.81 6.27 49.13
C PHE A 165 -15.12 7.62 49.32
N GLN A 166 -13.81 7.60 49.35
CA GLN A 166 -12.98 8.79 49.49
C GLN A 166 -12.21 9.00 48.19
N PRO A 167 -12.19 10.23 47.65
CA PRO A 167 -11.62 10.43 46.30
C PRO A 167 -10.18 9.95 46.15
N THR A 168 -9.49 9.68 47.25
CA THR A 168 -8.10 9.25 47.22
C THR A 168 -7.94 7.75 47.46
N ASN A 169 -9.04 7.00 47.48
CA ASN A 169 -8.93 5.55 47.56
C ASN A 169 -8.27 4.98 46.31
N GLY A 170 -7.78 3.76 46.42
CA GLY A 170 -7.37 3.04 45.23
C GLY A 170 -8.57 2.65 44.40
N VAL A 171 -8.35 2.49 43.09
CA VAL A 171 -9.46 2.27 42.16
C VAL A 171 -10.28 1.05 42.57
N GLY A 172 -9.64 0.04 43.16
CA GLY A 172 -10.38 -1.11 43.68
C GLY A 172 -11.31 -0.76 44.82
N TYR A 173 -11.11 0.39 45.46
CA TYR A 173 -11.97 0.86 46.53
C TYR A 173 -12.74 2.13 46.16
N GLN A 174 -12.69 2.53 44.89
CA GLN A 174 -13.45 3.66 44.38
C GLN A 174 -14.84 3.19 43.95
N PRO A 175 -15.82 4.10 43.94
CA PRO A 175 -17.19 3.68 43.58
C PRO A 175 -17.35 3.48 42.08
N TYR A 176 -18.12 2.45 41.73
CA TYR A 176 -18.43 2.16 40.33
C TYR A 176 -19.94 2.06 40.17
N ARG A 177 -20.47 2.78 39.20
CA ARG A 177 -21.88 2.68 38.83
C ARG A 177 -22.05 1.56 37.82
N VAL A 178 -23.00 0.66 38.09
CA VAL A 178 -23.21 -0.52 37.27
C VAL A 178 -24.62 -0.46 36.69
N VAL A 179 -24.75 -0.84 35.43
CA VAL A 179 -26.04 -1.01 34.78
C VAL A 179 -26.09 -2.42 34.21
N VAL A 180 -27.18 -3.13 34.50
CA VAL A 180 -27.37 -4.50 34.04
C VAL A 180 -28.65 -4.54 33.22
N LEU A 181 -28.52 -4.77 31.92
CA LEU A 181 -29.67 -4.97 31.05
C LEU A 181 -29.89 -6.47 30.89
N SER A 182 -31.11 -6.91 31.16
CA SER A 182 -31.51 -8.30 30.93
C SER A 182 -32.63 -8.30 29.90
N PHE A 183 -32.49 -9.14 28.89
CA PHE A 183 -33.44 -9.20 27.79
C PHE A 183 -34.33 -10.43 27.96
N GLU A 184 -35.63 -10.19 28.06
CA GLU A 184 -36.61 -11.20 28.45
C GLU A 184 -37.42 -11.60 27.23
N LEU A 185 -37.48 -12.90 26.96
CA LEU A 185 -38.24 -13.44 25.83
C LEU A 185 -39.30 -14.40 26.36
N LEU A 186 -40.55 -13.95 26.36
CA LEU A 186 -41.67 -14.78 26.80
C LEU A 186 -42.39 -15.32 25.57
N HIS A 187 -43.40 -16.15 25.81
CA HIS A 187 -44.26 -16.63 24.73
C HIS A 187 -45.46 -15.69 24.59
N ALA A 188 -45.10 -14.46 24.24
CA ALA A 188 -46.00 -13.32 24.16
C ALA A 188 -45.37 -12.32 23.19
N PRO A 189 -46.15 -11.39 22.64
CA PRO A 189 -45.57 -10.48 21.64
C PRO A 189 -44.49 -9.59 22.27
N ALA A 190 -43.46 -9.33 21.47
CA ALA A 190 -42.40 -8.43 21.89
C ALA A 190 -42.91 -6.99 21.93
N THR A 191 -42.50 -6.25 22.96
CA THR A 191 -42.86 -4.84 23.08
C THR A 191 -41.68 -3.90 22.95
N VAL A 192 -40.46 -4.43 22.94
CA VAL A 192 -39.24 -3.62 22.81
C VAL A 192 -38.45 -4.19 21.64
N CYS A 193 -38.19 -3.36 20.64
CA CYS A 193 -37.52 -3.79 19.43
C CYS A 193 -36.43 -2.81 19.05
N GLY A 194 -35.36 -3.34 18.47
CA GLY A 194 -34.32 -2.51 17.89
C GLY A 194 -34.86 -1.73 16.72
N PRO A 195 -34.16 -0.65 16.34
CA PRO A 195 -34.68 0.22 15.26
C PRO A 195 -34.69 -0.43 13.88
N LYS A 196 -34.11 -1.61 13.70
CA LYS A 196 -34.10 -2.26 12.39
C LYS A 196 -35.17 -3.33 12.21
N LYS A 197 -35.97 -3.63 13.23
CA LYS A 197 -37.23 -4.32 13.02
C LYS A 197 -38.29 -3.74 13.94
N SER A 198 -38.48 -2.42 13.84
CA SER A 198 -39.60 -1.79 14.52
C SER A 198 -40.92 -2.22 13.90
N GLU B 1 -19.23 -7.08 -0.64
CA GLU B 1 -17.78 -7.00 -0.64
C GLU B 1 -17.31 -5.72 0.05
N VAL B 2 -17.12 -5.79 1.36
CA VAL B 2 -16.61 -4.64 2.11
C VAL B 2 -15.16 -4.42 1.74
N GLN B 3 -14.86 -3.22 1.23
CA GLN B 3 -13.51 -2.89 0.81
C GLN B 3 -13.06 -1.58 1.41
N LEU B 4 -11.81 -1.55 1.88
CA LEU B 4 -11.17 -0.34 2.36
C LEU B 4 -9.88 -0.17 1.59
N VAL B 5 -9.74 0.95 0.88
CA VAL B 5 -8.54 1.27 0.13
C VAL B 5 -7.99 2.58 0.67
N GLU B 6 -6.89 2.50 1.41
CA GLU B 6 -6.21 3.71 1.84
C GLU B 6 -5.41 4.28 0.69
N SER B 7 -5.44 5.60 0.55
CA SER B 7 -4.57 6.32 -0.38
C SER B 7 -4.00 7.52 0.35
N GLY B 8 -2.75 7.85 0.02
CA GLY B 8 -2.09 8.94 0.70
C GLY B 8 -0.61 8.96 0.38
N GLY B 9 0.13 9.70 1.19
CA GLY B 9 1.52 9.97 0.87
C GLY B 9 2.43 8.80 1.13
N GLY B 10 3.67 8.96 0.64
CA GLY B 10 4.72 8.00 0.87
C GLY B 10 5.91 8.64 1.56
N VAL B 11 6.76 9.33 0.79
CA VAL B 11 7.99 9.92 1.31
C VAL B 11 7.74 11.38 1.62
N VAL B 12 8.00 11.80 2.85
CA VAL B 12 7.74 13.15 3.32
C VAL B 12 8.86 13.58 4.26
N GLN B 13 9.13 14.90 4.31
CA GLN B 13 10.17 15.51 5.13
C GLN B 13 9.70 15.63 6.58
N PRO B 14 10.57 15.40 7.56
CA PRO B 14 10.17 15.54 8.96
C PRO B 14 9.74 16.97 9.29
N GLY B 15 8.65 17.09 10.04
CA GLY B 15 8.09 18.38 10.38
C GLY B 15 7.06 18.90 9.40
N ARG B 16 6.65 18.11 8.43
CA ARG B 16 5.70 18.51 7.40
C ARG B 16 4.30 18.01 7.80
N SER B 17 3.39 17.90 6.82
CA SER B 17 2.05 17.43 7.04
C SER B 17 1.63 16.55 5.88
N LEU B 18 0.75 15.59 6.16
CA LEU B 18 0.29 14.64 5.16
C LEU B 18 -1.14 14.25 5.50
N ARG B 19 -1.93 13.99 4.45
CA ARG B 19 -3.35 13.70 4.62
C ARG B 19 -3.64 12.31 4.05
N LEU B 20 -3.98 11.37 4.92
CA LEU B 20 -4.39 10.04 4.50
C LEU B 20 -5.88 10.03 4.17
N SER B 21 -6.25 9.21 3.19
CA SER B 21 -7.63 9.00 2.82
C SER B 21 -7.93 7.51 2.83
N CYS B 22 -9.14 7.15 3.29
CA CYS B 22 -9.61 5.78 3.25
C CYS B 22 -10.95 5.77 2.54
N ALA B 23 -11.03 5.04 1.43
CA ALA B 23 -12.24 4.95 0.64
C ALA B 23 -12.97 3.66 0.97
N ALA B 24 -14.18 3.78 1.53
CA ALA B 24 -14.97 2.64 1.95
C ALA B 24 -16.04 2.33 0.92
N SER B 25 -16.18 1.06 0.58
CA SER B 25 -17.19 0.62 -0.37
C SER B 25 -17.75 -0.72 0.09
N GLY B 26 -19.02 -0.96 -0.23
CA GLY B 26 -19.65 -2.22 0.10
C GLY B 26 -20.35 -2.28 1.44
N PHE B 27 -20.59 -1.14 2.08
CA PHE B 27 -21.31 -1.10 3.35
C PHE B 27 -21.69 0.36 3.63
N THR B 28 -22.71 0.52 4.48
CA THR B 28 -23.18 1.86 4.84
C THR B 28 -22.13 2.49 5.76
N PHE B 29 -21.26 3.30 5.17
CA PHE B 29 -20.12 3.88 5.88
C PHE B 29 -20.57 4.70 7.08
N SER B 30 -21.65 5.46 6.92
CA SER B 30 -22.05 6.44 7.93
C SER B 30 -22.42 5.81 9.27
N SER B 31 -22.73 4.50 9.29
CA SER B 31 -23.19 3.84 10.49
C SER B 31 -22.10 2.99 11.16
N TYR B 32 -20.85 3.15 10.77
CA TYR B 32 -19.74 2.40 11.34
C TYR B 32 -18.70 3.34 11.92
N GLY B 33 -18.03 2.85 12.97
CA GLY B 33 -16.84 3.52 13.48
C GLY B 33 -15.61 3.01 12.76
N MET B 34 -14.58 3.86 12.71
CA MET B 34 -13.38 3.58 11.92
C MET B 34 -12.13 3.76 12.77
N HIS B 35 -11.15 2.88 12.54
CA HIS B 35 -9.87 2.91 13.25
C HIS B 35 -8.74 3.19 12.26
N TRP B 36 -7.69 3.82 12.77
CA TRP B 36 -6.41 3.88 12.09
C TRP B 36 -5.39 3.09 12.89
N VAL B 37 -4.66 2.20 12.21
CA VAL B 37 -3.67 1.34 12.85
C VAL B 37 -2.45 1.29 11.94
N ARG B 38 -1.28 1.41 12.54
CA ARG B 38 -0.03 1.43 11.80
C ARG B 38 0.86 0.27 12.23
N GLN B 39 1.85 -0.03 11.38
CA GLN B 39 2.76 -1.14 11.63
C GLN B 39 4.12 -0.76 11.07
N ALA B 40 4.95 -0.14 11.90
CA ALA B 40 6.28 0.24 11.47
C ALA B 40 7.08 -1.00 11.09
N PRO B 41 7.97 -0.90 10.11
CA PRO B 41 8.71 -2.08 9.64
C PRO B 41 9.44 -2.77 10.77
N GLY B 42 9.19 -4.06 10.93
CA GLY B 42 9.78 -4.85 11.99
C GLY B 42 8.96 -4.87 13.27
N LYS B 43 8.34 -3.76 13.61
CA LYS B 43 7.55 -3.66 14.83
C LYS B 43 6.17 -4.27 14.61
N GLY B 44 5.37 -4.29 15.68
CA GLY B 44 4.04 -4.85 15.64
C GLY B 44 2.97 -3.80 15.35
N LEU B 45 1.73 -4.20 15.54
CA LEU B 45 0.60 -3.31 15.30
C LEU B 45 0.46 -2.30 16.42
N GLU B 46 0.04 -1.09 16.05
CA GLU B 46 -0.17 -0.02 17.02
C GLU B 46 -1.34 0.85 16.58
N TRP B 47 -2.28 1.06 17.50
CA TRP B 47 -3.48 1.84 17.21
C TRP B 47 -3.15 3.33 17.14
N VAL B 48 -3.76 4.02 16.18
CA VAL B 48 -3.56 5.46 16.03
C VAL B 48 -4.74 6.20 16.63
N ALA B 49 -5.93 6.00 16.07
CA ALA B 49 -7.10 6.76 16.45
C ALA B 49 -8.35 5.98 16.08
N VAL B 50 -9.49 6.47 16.57
CA VAL B 50 -10.79 5.94 16.22
C VAL B 50 -11.78 7.10 16.19
N ILE B 51 -12.77 6.99 15.32
CA ILE B 51 -13.80 8.02 15.18
C ILE B 51 -15.15 7.33 15.11
N SER B 52 -16.12 7.85 15.85
CA SER B 52 -17.46 7.28 15.84
C SER B 52 -18.12 7.51 14.49
N TYR B 53 -19.20 6.78 14.25
CA TYR B 53 -20.00 6.97 13.03
C TYR B 53 -20.44 8.41 12.88
N ASP B 54 -20.64 9.11 14.00
CA ASP B 54 -21.12 10.48 13.99
C ASP B 54 -20.03 11.47 13.61
N GLY B 55 -18.78 11.16 13.95
CA GLY B 55 -17.75 12.15 14.07
C GLY B 55 -17.73 12.82 15.44
N SER B 56 -18.72 12.55 16.28
CA SER B 56 -18.85 13.19 17.58
C SER B 56 -17.87 12.65 18.61
N ASN B 57 -17.35 11.45 18.42
CA ASN B 57 -16.40 10.85 19.36
C ASN B 57 -15.09 10.60 18.64
N LYS B 58 -14.02 11.21 19.15
CA LYS B 58 -12.68 11.04 18.60
C LYS B 58 -11.73 10.75 19.76
N TYR B 59 -10.91 9.71 19.58
CA TYR B 59 -9.90 9.36 20.57
C TYR B 59 -8.60 9.03 19.84
N TYR B 60 -7.48 9.28 20.51
CA TYR B 60 -6.18 9.15 19.90
C TYR B 60 -5.24 8.40 20.82
N ALA B 61 -4.31 7.65 20.22
CA ALA B 61 -3.19 7.11 20.97
C ALA B 61 -2.36 8.26 21.52
N ASP B 62 -1.74 8.03 22.68
CA ASP B 62 -0.96 9.08 23.33
C ASP B 62 0.16 9.58 22.42
N SER B 63 0.82 8.66 21.70
CA SER B 63 1.98 9.00 20.88
C SER B 63 1.64 9.88 19.70
N VAL B 64 0.36 10.04 19.34
CA VAL B 64 -0.07 10.90 18.26
C VAL B 64 -1.00 12.00 18.71
N LYS B 65 -1.25 12.11 20.02
CA LYS B 65 -2.38 12.85 20.58
C LYS B 65 -2.66 14.19 19.90
N GLY B 66 -1.66 15.08 19.88
CA GLY B 66 -1.88 16.41 19.36
C GLY B 66 -1.68 16.55 17.86
N ARG B 67 -0.60 15.95 17.35
CA ARG B 67 -0.25 16.12 15.95
C ARG B 67 -1.31 15.53 15.03
N PHE B 68 -1.61 14.25 15.21
CA PHE B 68 -2.59 13.57 14.36
C PHE B 68 -4.00 14.05 14.67
N THR B 69 -4.89 13.92 13.68
CA THR B 69 -6.27 14.36 13.82
C THR B 69 -7.13 13.54 12.87
N ILE B 70 -8.08 12.77 13.43
CA ILE B 70 -8.94 11.90 12.65
C ILE B 70 -10.19 12.67 12.22
N SER B 71 -10.76 12.28 11.08
CA SER B 71 -11.98 12.90 10.57
C SER B 71 -12.57 12.00 9.49
N ARG B 72 -13.81 12.29 9.11
CA ARG B 72 -14.53 11.50 8.13
C ARG B 72 -15.48 12.39 7.36
N ASP B 73 -15.94 11.88 6.22
CA ASP B 73 -16.98 12.54 5.42
C ASP B 73 -17.89 11.45 4.88
N ASN B 74 -19.06 11.29 5.49
CA ASN B 74 -19.96 10.21 5.13
C ASN B 74 -20.60 10.41 3.76
N SER B 75 -20.66 11.64 3.27
CA SER B 75 -21.16 11.85 1.91
C SER B 75 -20.18 11.34 0.87
N LYS B 76 -18.87 11.47 1.15
CA LYS B 76 -17.83 10.98 0.26
C LYS B 76 -17.38 9.57 0.58
N ASN B 77 -17.95 8.93 1.60
CA ASN B 77 -17.59 7.57 2.00
C ASN B 77 -16.10 7.46 2.30
N THR B 78 -15.54 8.49 2.90
CA THR B 78 -14.09 8.60 3.05
C THR B 78 -13.71 8.88 4.50
N LEU B 79 -12.70 8.15 4.98
CA LEU B 79 -12.08 8.40 6.26
C LEU B 79 -10.76 9.14 6.04
N TYR B 80 -10.48 10.12 6.89
CA TYR B 80 -9.27 10.93 6.77
C TYR B 80 -8.48 10.90 8.07
N LEU B 81 -7.16 10.86 7.95
CA LEU B 81 -6.25 11.04 9.07
C LEU B 81 -5.30 12.18 8.71
N GLN B 82 -5.48 13.33 9.37
CA GLN B 82 -4.61 14.46 9.17
C GLN B 82 -3.46 14.38 10.17
N MET B 83 -2.24 14.19 9.66
CA MET B 83 -1.05 14.13 10.49
C MET B 83 -0.14 15.30 10.14
N ASN B 84 -0.11 16.31 10.99
CA ASN B 84 0.84 17.40 10.91
C ASN B 84 2.04 17.11 11.81
N SER B 85 3.09 17.91 11.64
CA SER B 85 4.30 17.80 12.45
C SER B 85 4.85 16.38 12.42
N LEU B 86 4.96 15.83 11.21
CA LEU B 86 5.39 14.45 11.05
C LEU B 86 6.81 14.26 11.55
N ARG B 87 7.00 13.23 12.37
CA ARG B 87 8.30 12.83 12.88
C ARG B 87 8.70 11.50 12.26
N ALA B 88 9.96 11.10 12.49
CA ALA B 88 10.49 9.93 11.83
C ALA B 88 10.02 8.61 12.44
N GLU B 89 9.61 8.62 13.71
CA GLU B 89 9.11 7.40 14.34
C GLU B 89 7.71 7.03 13.90
N ASP B 90 7.06 7.87 13.09
CA ASP B 90 5.74 7.58 12.54
C ASP B 90 5.81 6.85 11.20
N THR B 91 6.99 6.36 10.81
CA THR B 91 7.14 5.65 9.55
C THR B 91 6.58 4.25 9.68
N ALA B 92 5.56 3.94 8.88
CA ALA B 92 4.83 2.69 9.01
C ALA B 92 3.90 2.53 7.83
N VAL B 93 3.40 1.30 7.65
CA VAL B 93 2.21 1.09 6.84
C VAL B 93 1.00 1.45 7.68
N TYR B 94 0.13 2.30 7.14
CA TYR B 94 -1.02 2.80 7.86
C TYR B 94 -2.27 2.07 7.38
N TYR B 95 -2.90 1.31 8.27
CA TYR B 95 -4.12 0.59 7.97
C TYR B 95 -5.33 1.37 8.44
N CYS B 96 -6.43 1.22 7.71
CA CYS B 96 -7.72 1.78 8.06
C CYS B 96 -8.71 0.61 8.19
N ALA B 97 -9.45 0.58 9.29
CA ALA B 97 -10.31 -0.55 9.60
C ALA B 97 -11.65 -0.06 10.12
N ASN B 98 -12.70 -0.83 9.84
CA ASN B 98 -14.03 -0.53 10.34
C ASN B 98 -14.29 -1.32 11.62
N GLY B 99 -15.19 -0.78 12.45
CA GLY B 99 -15.53 -1.44 13.69
C GLY B 99 -16.44 -2.64 13.48
N PHE B 100 -16.31 -3.61 14.37
CA PHE B 100 -17.15 -4.81 14.27
C PHE B 100 -18.61 -4.44 14.53
N GLY B 101 -19.49 -4.88 13.64
CA GLY B 101 -20.89 -4.51 13.71
C GLY B 101 -21.09 -3.03 13.45
N GLU B 102 -22.34 -2.63 13.26
CA GLU B 102 -22.62 -1.21 13.07
C GLU B 102 -22.42 -0.45 14.38
N TYR B 103 -21.97 0.81 14.25
CA TYR B 103 -21.84 1.75 15.36
C TYR B 103 -20.73 1.36 16.33
N TYR B 104 -20.79 0.15 16.89
CA TYR B 104 -19.78 -0.27 17.86
C TYR B 104 -18.40 -0.29 17.22
N TYR B 105 -17.38 0.00 18.04
CA TYR B 105 -16.01 -0.01 17.54
C TYR B 105 -15.02 -0.52 18.60
N TYR B 106 -15.47 -1.36 19.52
CA TYR B 106 -14.55 -2.02 20.44
C TYR B 106 -13.67 -3.03 19.73
N ALA B 107 -14.01 -3.41 18.50
CA ALA B 107 -13.24 -4.37 17.73
C ALA B 107 -13.13 -3.87 16.30
N MET B 108 -12.15 -4.42 15.58
CA MET B 108 -11.99 -4.16 14.16
C MET B 108 -12.47 -5.35 13.36
N ASP B 109 -13.02 -5.08 12.18
CA ASP B 109 -13.57 -6.13 11.33
C ASP B 109 -12.70 -6.21 10.08
N VAL B 110 -13.05 -5.52 9.01
CA VAL B 110 -12.29 -5.57 7.76
C VAL B 110 -11.19 -4.51 7.81
N TRP B 111 -9.99 -4.89 7.37
CA TRP B 111 -8.85 -3.99 7.28
C TRP B 111 -8.60 -3.64 5.82
N GLY B 112 -7.95 -2.51 5.60
CA GLY B 112 -7.51 -2.11 4.29
C GLY B 112 -6.19 -2.78 3.94
N GLN B 113 -5.66 -2.40 2.77
CA GLN B 113 -4.36 -2.90 2.32
C GLN B 113 -3.22 -1.95 2.67
N GLY B 114 -3.53 -0.79 3.23
CA GLY B 114 -2.52 0.09 3.79
C GLY B 114 -1.86 0.99 2.77
N THR B 115 -1.32 2.10 3.28
CA THR B 115 -0.38 2.95 2.56
C THR B 115 0.86 3.11 3.41
N THR B 116 2.04 3.08 2.77
CA THR B 116 3.29 3.16 3.49
C THR B 116 3.74 4.63 3.55
N VAL B 117 3.88 5.14 4.77
CA VAL B 117 4.29 6.53 5.00
C VAL B 117 5.73 6.49 5.48
N THR B 118 6.64 7.05 4.68
CA THR B 118 8.06 7.13 5.02
C THR B 118 8.40 8.59 5.31
N VAL B 119 8.90 8.84 6.51
CA VAL B 119 9.25 10.19 6.94
C VAL B 119 10.77 10.30 6.94
N SER B 120 11.29 11.13 6.02
CA SER B 120 12.72 11.45 5.96
C SER B 120 12.95 12.59 4.99
N ALA B 122 17.60 11.36 3.60
CA ALA B 122 16.58 11.90 2.71
C ALA B 122 17.12 12.18 1.32
N SER B 123 18.15 13.02 1.26
CA SER B 123 18.76 13.40 0.00
C SER B 123 19.60 12.26 -0.52
N THR B 124 19.50 12.01 -1.83
CA THR B 124 20.26 10.94 -2.46
C THR B 124 21.75 11.19 -2.30
N LYS B 125 22.44 10.24 -1.68
CA LYS B 125 23.87 10.39 -1.43
C LYS B 125 24.49 9.03 -1.18
N GLY B 126 25.77 8.91 -1.53
CA GLY B 126 26.49 7.66 -1.43
C GLY B 126 27.21 7.49 -0.11
N PRO B 127 27.68 6.27 0.16
CA PRO B 127 28.24 5.96 1.48
C PRO B 127 29.75 6.10 1.58
N SER B 128 30.25 5.90 2.79
CA SER B 128 31.64 5.60 3.04
C SER B 128 31.75 4.11 3.38
N VAL B 129 32.98 3.66 3.63
CA VAL B 129 33.26 2.25 3.94
C VAL B 129 34.29 2.20 5.06
N PHE B 130 34.02 1.37 6.07
CA PHE B 130 34.92 1.20 7.20
C PHE B 130 35.28 -0.27 7.34
N PRO B 131 36.56 -0.60 7.55
CA PRO B 131 36.93 -2.00 7.70
C PRO B 131 36.63 -2.52 9.10
N LEU B 132 36.28 -3.81 9.17
CA LEU B 132 36.19 -4.54 10.42
C LEU B 132 37.48 -5.33 10.59
N ALA B 133 38.22 -5.07 11.68
CA ALA B 133 39.45 -5.81 11.89
C ALA B 133 39.15 -7.18 12.52
N PRO B 134 39.96 -8.19 12.22
CA PRO B 134 39.63 -9.56 12.66
C PRO B 134 40.24 -9.95 13.99
N SER B 135 39.92 -11.17 14.41
CA SER B 135 40.58 -11.85 15.51
C SER B 135 40.27 -13.33 15.38
N SER B 136 41.08 -14.15 16.04
CA SER B 136 40.93 -15.60 15.91
C SER B 136 41.45 -16.32 17.15
N LYS B 137 42.76 -16.25 17.38
CA LYS B 137 43.43 -17.01 18.43
C LYS B 137 43.12 -18.51 18.27
N SER B 138 43.63 -19.05 17.16
CA SER B 138 43.33 -20.41 16.73
C SER B 138 43.64 -21.44 17.81
N THR B 139 42.60 -22.07 18.35
CA THR B 139 42.72 -23.12 19.35
C THR B 139 42.12 -24.40 18.78
N SER B 140 42.81 -24.98 17.79
CA SER B 140 42.35 -26.13 17.02
C SER B 140 41.02 -25.86 16.30
N GLY B 141 40.60 -24.61 16.22
CA GLY B 141 39.34 -24.28 15.59
C GLY B 141 39.50 -23.78 14.17
N GLY B 142 40.51 -22.96 13.94
CA GLY B 142 40.71 -22.37 12.62
C GLY B 142 39.48 -21.66 12.12
N THR B 143 39.06 -20.62 12.83
CA THR B 143 37.85 -19.85 12.49
C THR B 143 38.18 -18.38 12.68
N ALA B 144 38.52 -17.69 11.60
CA ALA B 144 38.91 -16.29 11.64
C ALA B 144 37.88 -15.48 10.85
N ALA B 145 36.94 -14.86 11.57
CA ALA B 145 35.88 -14.08 10.94
C ALA B 145 36.37 -12.67 10.64
N LEU B 146 35.87 -12.12 9.52
CA LEU B 146 36.44 -10.90 8.97
C LEU B 146 35.46 -10.28 7.98
N GLY B 147 35.40 -8.95 7.97
CA GLY B 147 34.54 -8.29 7.03
C GLY B 147 34.74 -6.79 6.96
N CYS B 148 33.76 -6.12 6.36
CA CYS B 148 33.79 -4.69 6.10
C CYS B 148 32.42 -4.11 6.41
N LEU B 149 32.32 -2.78 6.35
CA LEU B 149 31.08 -2.08 6.65
C LEU B 149 30.83 -1.02 5.57
N VAL B 150 29.56 -0.67 5.38
CA VAL B 150 29.15 0.36 4.44
C VAL B 150 28.11 1.22 5.16
N LYS B 151 28.52 2.43 5.56
CA LYS B 151 27.68 3.27 6.43
C LYS B 151 26.98 4.37 5.64
N ASP B 152 25.69 4.56 5.94
CA ASP B 152 24.89 5.69 5.47
C ASP B 152 24.82 5.71 3.93
N TYR B 153 24.15 4.70 3.38
CA TYR B 153 23.98 4.61 1.94
C TYR B 153 22.51 4.61 1.56
N PHE B 154 22.19 5.35 0.51
CA PHE B 154 20.82 5.53 0.04
C PHE B 154 20.84 5.43 -1.47
N PRO B 155 20.07 4.52 -2.09
CA PRO B 155 19.43 3.37 -1.43
C PRO B 155 20.11 2.05 -1.74
N GLU B 156 19.29 1.02 -1.95
CA GLU B 156 19.76 -0.29 -2.35
C GLU B 156 20.08 -0.31 -3.84
N PRO B 157 20.86 -1.31 -4.30
CA PRO B 157 21.53 -2.37 -3.57
C PRO B 157 23.06 -2.31 -3.69
N VAL B 158 23.72 -1.70 -2.72
CA VAL B 158 25.17 -1.57 -2.76
C VAL B 158 25.81 -2.95 -2.83
N THR B 159 26.66 -3.16 -3.82
CA THR B 159 27.31 -4.45 -4.05
C THR B 159 28.58 -4.56 -3.20
N VAL B 160 28.78 -5.73 -2.60
CA VAL B 160 29.93 -5.97 -1.75
C VAL B 160 30.49 -7.36 -2.04
N SER B 161 31.79 -7.42 -2.36
CA SER B 161 32.51 -8.69 -2.51
C SER B 161 34.01 -8.45 -2.62
N TRP B 162 34.71 -9.37 -3.28
CA TRP B 162 36.13 -9.22 -3.56
C TRP B 162 36.46 -9.38 -5.04
N ASN B 163 35.51 -9.83 -5.87
CA ASN B 163 35.75 -10.05 -7.30
C ASN B 163 36.93 -10.99 -7.52
N SER B 164 36.97 -12.08 -6.76
CA SER B 164 38.10 -12.99 -6.86
C SER B 164 37.66 -14.40 -6.45
N GLY B 165 38.63 -15.23 -6.04
CA GLY B 165 38.37 -16.64 -5.83
C GLY B 165 37.74 -16.99 -4.51
N ALA B 166 37.76 -16.09 -3.53
CA ALA B 166 37.11 -16.35 -2.26
C ALA B 166 35.61 -16.29 -2.43
N LEU B 167 34.97 -17.47 -2.42
CA LEU B 167 33.51 -17.55 -2.52
C LEU B 167 32.96 -18.21 -1.26
N THR B 168 33.23 -17.59 -0.11
CA THR B 168 32.78 -18.11 1.18
C THR B 168 32.30 -16.99 2.09
N SER B 169 31.71 -15.94 1.51
CA SER B 169 31.36 -14.73 2.24
C SER B 169 29.89 -14.77 2.62
N GLY B 170 29.61 -14.75 3.93
CA GLY B 170 28.25 -14.68 4.42
C GLY B 170 27.74 -13.25 4.44
N VAL B 171 27.41 -12.71 3.27
CA VAL B 171 26.96 -11.32 3.16
C VAL B 171 25.61 -11.15 3.86
N HIS B 172 25.34 -9.93 4.33
CA HIS B 172 24.11 -9.64 5.05
C HIS B 172 23.38 -8.46 4.39
N THR B 173 22.38 -7.90 5.07
CA THR B 173 21.54 -6.81 4.57
C THR B 173 21.63 -5.62 5.52
N PHE B 174 20.72 -4.65 5.32
CA PHE B 174 20.82 -3.32 5.88
C PHE B 174 19.59 -2.93 6.68
N PRO B 175 19.77 -2.31 7.85
CA PRO B 175 18.64 -1.75 8.60
C PRO B 175 18.27 -0.34 8.16
N ALA B 176 17.11 -0.19 7.53
CA ALA B 176 16.64 1.11 7.05
C ALA B 176 16.03 1.86 8.22
N VAL B 177 16.85 2.68 8.88
CA VAL B 177 16.45 3.38 10.09
C VAL B 177 16.90 4.82 10.02
N LEU B 178 16.14 5.70 10.66
CA LEU B 178 16.49 7.12 10.75
C LEU B 178 15.95 7.73 12.04
N GLY B 182 19.48 4.93 13.86
CA GLY B 182 19.09 5.95 12.91
C GLY B 182 19.98 6.00 11.67
N LEU B 183 20.52 4.84 11.30
CA LEU B 183 21.51 4.74 10.24
C LEU B 183 21.03 3.82 9.12
N TYR B 184 21.80 3.80 8.04
CA TYR B 184 21.60 2.90 6.90
C TYR B 184 22.94 2.24 6.63
N SER B 185 23.05 0.93 6.84
CA SER B 185 24.39 0.34 6.74
C SER B 185 24.32 -1.13 6.39
N LEU B 186 25.38 -1.62 5.74
CA LEU B 186 25.54 -2.99 5.31
C LEU B 186 26.72 -3.63 6.05
N SER B 187 26.89 -4.94 5.85
CA SER B 187 28.06 -5.65 6.33
C SER B 187 28.17 -6.99 5.62
N SER B 188 29.38 -7.54 5.62
CA SER B 188 29.65 -8.85 5.06
C SER B 188 30.75 -9.51 5.88
N VAL B 189 30.69 -10.83 6.00
CA VAL B 189 31.67 -11.60 6.76
C VAL B 189 32.39 -12.56 5.82
N VAL B 190 33.69 -12.73 6.04
CA VAL B 190 34.52 -13.67 5.29
C VAL B 190 35.32 -14.50 6.30
N THR B 191 35.55 -15.76 5.96
CA THR B 191 36.18 -16.71 6.87
C THR B 191 37.44 -17.29 6.23
N VAL B 192 38.54 -17.30 6.99
CA VAL B 192 39.79 -17.90 6.55
C VAL B 192 40.29 -18.86 7.63
N PRO B 193 40.01 -20.17 7.50
CA PRO B 193 40.32 -21.11 8.58
C PRO B 193 41.80 -21.30 8.88
N SER B 194 42.72 -20.72 8.12
CA SER B 194 44.14 -20.81 8.46
C SER B 194 44.58 -19.71 9.40
N SER B 195 43.71 -18.74 9.71
CA SER B 195 44.06 -17.53 10.42
C SER B 195 45.36 -16.95 9.84
N SER B 196 45.25 -16.51 8.57
CA SER B 196 46.37 -16.07 7.74
C SER B 196 47.46 -15.38 8.54
N LEU B 197 48.69 -15.88 8.43
CA LEU B 197 49.80 -15.43 9.26
C LEU B 197 50.42 -14.18 8.62
N GLY B 198 49.64 -13.11 8.64
CA GLY B 198 50.07 -11.87 8.01
C GLY B 198 50.40 -12.03 6.54
N THR B 199 49.79 -13.00 5.86
CA THR B 199 50.12 -13.32 4.48
C THR B 199 48.93 -13.04 3.55
N GLN B 200 47.90 -13.88 3.58
CA GLN B 200 46.76 -13.73 2.67
C GLN B 200 46.14 -12.34 2.78
N THR B 201 46.06 -11.66 1.65
CA THR B 201 45.49 -10.32 1.57
C THR B 201 44.03 -10.42 1.15
N TYR B 202 43.17 -9.69 1.85
CA TYR B 202 41.74 -9.69 1.58
C TYR B 202 41.30 -8.27 1.21
N ILE B 203 41.29 -8.01 -0.10
CA ILE B 203 40.63 -6.82 -0.63
C ILE B 203 39.12 -6.98 -0.47
N CYS B 204 38.43 -5.86 -0.18
CA CYS B 204 36.98 -5.86 0.02
C CYS B 204 36.35 -4.88 -0.96
N ASN B 205 35.96 -5.37 -2.13
CA ASN B 205 35.47 -4.51 -3.20
C ASN B 205 34.02 -4.12 -2.94
N VAL B 206 33.78 -2.81 -2.80
CA VAL B 206 32.47 -2.28 -2.47
C VAL B 206 32.08 -1.16 -3.42
N ASN B 207 31.18 -1.44 -4.36
CA ASN B 207 30.72 -0.44 -5.31
C ASN B 207 29.43 0.20 -4.84
N HIS B 208 29.26 1.48 -5.15
CA HIS B 208 28.05 2.20 -4.84
C HIS B 208 27.14 2.20 -6.08
N LYS B 209 26.22 3.15 -6.17
CA LYS B 209 25.34 3.25 -7.33
C LYS B 209 24.67 4.62 -7.37
N PRO B 210 23.95 5.04 -6.31
CA PRO B 210 23.30 6.35 -6.38
C PRO B 210 24.25 7.54 -6.28
N SER B 211 25.56 7.29 -6.27
CA SER B 211 26.55 8.35 -6.24
C SER B 211 27.80 8.01 -7.06
N ASN B 212 27.87 6.81 -7.63
CA ASN B 212 28.99 6.35 -8.44
C ASN B 212 30.30 6.48 -7.67
N THR B 213 30.32 5.86 -6.47
CA THR B 213 31.47 5.95 -5.57
C THR B 213 31.83 4.55 -5.07
N LYS B 214 32.45 3.77 -5.95
CA LYS B 214 33.06 2.51 -5.54
C LYS B 214 34.29 2.79 -4.68
N VAL B 215 34.41 2.07 -3.57
CA VAL B 215 35.53 2.21 -2.65
C VAL B 215 36.02 0.82 -2.27
N ASP B 216 37.24 0.75 -1.77
CA ASP B 216 37.82 -0.49 -1.29
C ASP B 216 38.71 -0.22 -0.09
N LYS B 217 38.78 -1.21 0.79
CA LYS B 217 39.69 -1.16 1.93
C LYS B 217 40.35 -2.52 2.11
N LYS B 218 41.53 -2.49 2.70
CA LYS B 218 42.30 -3.69 3.02
C LYS B 218 42.24 -3.93 4.51
N VAL B 219 41.84 -5.14 4.89
CA VAL B 219 41.67 -5.47 6.30
C VAL B 219 42.99 -5.98 6.85
N GLU B 220 43.66 -5.14 7.60
CA GLU B 220 44.90 -5.49 8.26
C GLU B 220 44.66 -5.69 9.75
N PRO B 221 45.06 -6.82 10.34
CA PRO B 221 44.77 -7.12 11.74
C PRO B 221 45.40 -6.11 12.70
N ASN C 1 -0.31 2.64 31.61
CA ASN C 1 -1.60 2.28 31.04
C ASN C 1 -1.75 0.78 30.86
N PHE C 2 -3.00 0.35 30.66
CA PHE C 2 -3.30 -1.06 30.42
C PHE C 2 -2.46 -1.60 29.27
N MET C 3 -1.88 -2.79 29.48
CA MET C 3 -0.90 -3.34 28.56
C MET C 3 -1.26 -4.77 28.20
N LEU C 4 -0.96 -5.13 26.95
CA LEU C 4 -1.10 -6.50 26.46
C LEU C 4 0.29 -6.99 26.06
N THR C 5 0.72 -8.09 26.68
CA THR C 5 2.05 -8.63 26.47
C THR C 5 1.94 -10.07 25.97
N GLN C 6 2.48 -10.32 24.78
CA GLN C 6 2.54 -11.62 24.15
C GLN C 6 3.98 -12.12 24.11
N PRO C 7 4.19 -13.44 24.05
CA PRO C 7 5.53 -13.94 23.75
C PRO C 7 5.98 -13.47 22.38
N HIS C 8 7.29 -13.32 22.21
CA HIS C 8 7.82 -12.85 20.94
C HIS C 8 7.63 -13.88 19.84
N SER C 9 7.75 -15.17 20.18
CA SER C 9 7.69 -16.22 19.19
C SER C 9 7.14 -17.50 19.80
N VAL C 10 6.66 -18.38 18.92
CA VAL C 10 6.22 -19.71 19.31
C VAL C 10 6.22 -20.56 18.04
N SER C 11 6.33 -21.87 18.20
CA SER C 11 6.48 -22.74 17.03
C SER C 11 6.08 -24.17 17.41
N GLU C 12 5.45 -24.85 16.45
CA GLU C 12 5.05 -26.24 16.64
C GLU C 12 5.06 -26.95 15.30
N SER C 13 4.95 -28.28 15.35
CA SER C 13 5.01 -29.12 14.17
C SER C 13 3.63 -29.18 13.50
N PRO C 14 3.60 -29.38 12.17
CA PRO C 14 2.32 -29.53 11.48
C PRO C 14 1.47 -30.64 12.11
N GLY C 15 0.16 -30.39 12.16
CA GLY C 15 -0.77 -31.31 12.77
C GLY C 15 -0.91 -31.18 14.27
N LYS C 16 0.02 -30.49 14.94
CA LYS C 16 -0.01 -30.35 16.38
C LYS C 16 -0.88 -29.15 16.77
N THR C 17 -0.84 -28.78 18.05
CA THR C 17 -1.58 -27.63 18.57
C THR C 17 -0.61 -26.72 19.33
N VAL C 18 -0.75 -25.42 19.09
CA VAL C 18 0.03 -24.40 19.78
C VAL C 18 -0.95 -23.46 20.48
N THR C 19 -0.43 -22.71 21.44
CA THR C 19 -1.24 -21.78 22.22
C THR C 19 -0.46 -20.48 22.42
N ILE C 20 -1.06 -19.37 22.00
CA ILE C 20 -0.47 -18.04 22.15
C ILE C 20 -1.16 -17.34 23.31
N SER C 21 -0.37 -16.81 24.24
CA SER C 21 -0.91 -16.18 25.44
C SER C 21 -0.93 -14.67 25.30
N CYS C 22 -1.86 -14.05 26.01
CA CYS C 22 -2.06 -12.60 25.99
C CYS C 22 -2.43 -12.19 27.42
N THR C 23 -1.46 -11.75 28.19
CA THR C 23 -1.63 -11.44 29.60
C THR C 23 -1.63 -9.93 29.79
N GLY C 24 -2.68 -9.42 30.44
CA GLY C 24 -2.76 -8.00 30.70
C GLY C 24 -1.96 -7.56 31.91
N SER C 25 -1.67 -6.26 31.95
CA SER C 25 -0.98 -5.67 33.09
C SER C 25 -1.50 -4.25 33.27
N SER C 26 -1.62 -3.82 34.52
CA SER C 26 -2.20 -2.53 34.88
C SER C 26 -3.65 -2.43 34.40
N GLY C 27 -4.43 -3.44 34.74
CA GLY C 27 -5.81 -3.55 34.34
C GLY C 27 -6.21 -5.00 34.15
N SER C 28 -7.51 -5.23 34.10
CA SER C 28 -8.07 -6.58 34.02
C SER C 28 -8.39 -6.93 32.57
N ILE C 29 -7.92 -8.10 32.12
CA ILE C 29 -8.17 -8.53 30.75
C ILE C 29 -9.63 -8.93 30.57
N ALA C 30 -10.29 -9.38 31.63
CA ALA C 30 -11.67 -9.83 31.55
C ALA C 30 -12.67 -8.70 31.53
N SER C 31 -12.23 -7.46 31.74
CA SER C 31 -13.16 -6.33 31.75
C SER C 31 -13.83 -6.15 30.39
N ASN C 32 -13.04 -6.06 29.33
CA ASN C 32 -13.55 -5.73 28.01
C ASN C 32 -13.21 -6.82 27.00
N TYR C 33 -13.95 -6.80 25.89
CA TYR C 33 -13.84 -7.82 24.87
C TYR C 33 -12.43 -7.89 24.30
N VAL C 34 -11.94 -9.12 24.10
CA VAL C 34 -10.61 -9.38 23.56
C VAL C 34 -10.76 -9.94 22.15
N GLN C 35 -9.98 -9.38 21.22
CA GLN C 35 -9.97 -9.83 19.83
C GLN C 35 -8.63 -10.43 19.47
N TRP C 36 -8.64 -11.26 18.43
CA TRP C 36 -7.42 -11.86 17.89
C TRP C 36 -7.36 -11.58 16.40
N TYR C 37 -6.23 -11.07 15.94
CA TYR C 37 -6.03 -10.72 14.54
C TYR C 37 -4.83 -11.47 13.99
N GLN C 38 -4.94 -11.91 12.75
CA GLN C 38 -3.90 -12.67 12.06
C GLN C 38 -3.36 -11.84 10.91
N ARG C 39 -2.03 -11.71 10.86
CA ARG C 39 -1.37 -11.00 9.76
C ARG C 39 -0.33 -11.92 9.14
N ARG C 40 -0.64 -12.46 7.98
CA ARG C 40 0.30 -13.28 7.25
C ARG C 40 1.45 -12.41 6.72
N PRO C 41 2.62 -13.01 6.49
CA PRO C 41 3.78 -12.23 5.99
C PRO C 41 3.45 -11.41 4.75
N GLY C 42 3.54 -10.09 4.88
CA GLY C 42 3.25 -9.18 3.79
C GLY C 42 1.80 -8.82 3.62
N SER C 43 0.88 -9.64 4.12
CA SER C 43 -0.54 -9.39 3.93
C SER C 43 -1.04 -8.35 4.94
N ALA C 44 -2.29 -7.98 4.81
CA ALA C 44 -3.00 -7.15 5.77
C ALA C 44 -3.61 -8.03 6.85
N PRO C 45 -3.82 -7.50 8.06
CA PRO C 45 -4.40 -8.32 9.13
C PRO C 45 -5.80 -8.78 8.78
N THR C 46 -6.16 -9.94 9.32
CA THR C 46 -7.51 -10.46 9.26
C THR C 46 -7.97 -10.79 10.66
N THR C 47 -9.28 -10.84 10.86
CA THR C 47 -9.86 -11.13 12.16
C THR C 47 -10.15 -12.63 12.27
N VAL C 48 -9.81 -13.20 13.42
CA VAL C 48 -9.89 -14.64 13.63
C VAL C 48 -10.72 -14.94 14.88
N ILE C 49 -10.64 -14.05 15.87
CA ILE C 49 -11.46 -14.15 17.07
C ILE C 49 -11.96 -12.76 17.44
N TYR C 50 -13.23 -12.68 17.82
CA TYR C 50 -13.80 -11.46 18.35
C TYR C 50 -14.63 -11.79 19.59
N GLU C 51 -14.79 -10.80 20.46
CA GLU C 51 -15.59 -10.92 21.68
C GLU C 51 -15.17 -12.14 22.49
N ASP C 52 -13.89 -12.17 22.84
CA ASP C 52 -13.27 -13.17 23.70
C ASP C 52 -13.08 -14.53 23.00
N ASN C 53 -14.14 -15.10 22.44
CA ASN C 53 -14.03 -16.48 21.94
C ASN C 53 -14.97 -16.79 20.78
N GLN C 54 -15.32 -15.79 19.97
CA GLN C 54 -16.16 -16.03 18.81
C GLN C 54 -15.31 -16.11 17.55
N ARG C 55 -15.73 -16.95 16.62
CA ARG C 55 -15.09 -17.05 15.32
C ARG C 55 -15.94 -16.39 14.26
N PRO C 56 -15.38 -15.50 13.44
CA PRO C 56 -16.10 -15.04 12.25
C PRO C 56 -16.31 -16.19 11.27
N SER C 57 -17.28 -16.00 10.39
CA SER C 57 -17.57 -17.00 9.37
C SER C 57 -16.38 -17.13 8.43
N GLY C 58 -15.89 -18.37 8.26
CA GLY C 58 -14.73 -18.64 7.43
C GLY C 58 -13.50 -19.06 8.22
N VAL C 59 -13.45 -18.76 9.52
CA VAL C 59 -12.33 -19.17 10.35
C VAL C 59 -12.55 -20.60 10.80
N PRO C 60 -11.65 -21.53 10.46
CA PRO C 60 -11.86 -22.93 10.84
C PRO C 60 -11.90 -23.12 12.34
N ASP C 61 -12.63 -24.16 12.77
CA ASP C 61 -12.84 -24.43 14.18
C ASP C 61 -11.54 -24.91 14.84
N ARG C 62 -10.47 -24.98 14.06
CA ARG C 62 -9.16 -25.22 14.66
C ARG C 62 -8.75 -24.06 15.56
N PHE C 63 -9.31 -22.87 15.33
CA PHE C 63 -9.01 -21.69 16.12
C PHE C 63 -9.96 -21.59 17.30
N SER C 64 -9.40 -21.42 18.50
CA SER C 64 -10.19 -21.26 19.71
C SER C 64 -9.49 -20.27 20.64
N ALA C 65 -10.28 -19.62 21.48
CA ALA C 65 -9.77 -18.63 22.41
C ALA C 65 -10.54 -18.74 23.72
N SER C 66 -9.94 -18.23 24.79
CA SER C 66 -10.56 -18.25 26.10
C SER C 66 -9.93 -17.16 26.96
N ILE C 67 -10.55 -16.91 28.10
CA ILE C 67 -10.05 -15.96 29.08
C ILE C 67 -9.71 -16.71 30.36
N ASP C 68 -8.73 -16.19 31.09
CA ASP C 68 -8.33 -16.74 32.40
C ASP C 68 -8.08 -15.54 33.32
N SER C 69 -9.11 -15.16 34.07
CA SER C 69 -8.98 -14.01 34.96
C SER C 69 -8.06 -14.30 36.15
N SER C 70 -7.89 -15.58 36.51
CA SER C 70 -6.94 -15.92 37.57
C SER C 70 -5.54 -15.46 37.20
N SER C 71 -5.10 -15.76 35.98
CA SER C 71 -3.80 -15.32 35.49
C SER C 71 -3.87 -13.98 34.76
N ASN C 72 -5.07 -13.44 34.55
CA ASN C 72 -5.27 -12.21 33.79
C ASN C 72 -4.72 -12.37 32.37
N SER C 73 -5.21 -13.40 31.69
CA SER C 73 -4.66 -13.77 30.39
C SER C 73 -5.76 -14.25 29.45
N ALA C 74 -5.59 -13.94 28.16
CA ALA C 74 -6.35 -14.55 27.08
C ALA C 74 -5.44 -15.49 26.31
N SER C 75 -6.02 -16.52 25.70
CA SER C 75 -5.22 -17.59 25.08
C SER C 75 -5.86 -18.01 23.76
N LEU C 76 -5.16 -17.76 22.66
CA LEU C 76 -5.52 -18.32 21.37
C LEU C 76 -4.90 -19.70 21.23
N THR C 77 -5.68 -20.64 20.69
CA THR C 77 -5.24 -22.02 20.52
C THR C 77 -5.61 -22.49 19.13
N ILE C 78 -4.62 -22.99 18.39
CA ILE C 78 -4.79 -23.42 17.00
C ILE C 78 -4.49 -24.90 16.92
N SER C 79 -5.50 -25.70 16.58
CA SER C 79 -5.35 -27.14 16.48
C SER C 79 -5.03 -27.56 15.05
N GLY C 80 -4.56 -28.80 14.91
CA GLY C 80 -4.27 -29.37 13.61
C GLY C 80 -3.44 -28.46 12.73
N LEU C 81 -2.30 -28.00 13.25
CA LEU C 81 -1.52 -26.93 12.63
C LEU C 81 -1.26 -27.21 11.15
N LYS C 82 -1.39 -26.15 10.35
CA LYS C 82 -1.08 -26.19 8.92
C LYS C 82 -0.15 -25.03 8.61
N THR C 83 0.61 -25.19 7.52
CA THR C 83 1.58 -24.17 7.14
C THR C 83 0.93 -22.83 6.81
N GLU C 84 -0.35 -22.83 6.45
CA GLU C 84 -1.07 -21.58 6.20
C GLU C 84 -1.27 -20.76 7.46
N ASP C 85 -1.12 -21.38 8.65
CA ASP C 85 -1.34 -20.68 9.91
C ASP C 85 -0.14 -19.81 10.31
N GLU C 86 0.98 -19.93 9.61
CA GLU C 86 2.17 -19.13 9.93
C GLU C 86 1.86 -17.65 9.76
N ALA C 87 1.93 -16.89 10.85
CA ALA C 87 1.60 -15.47 10.82
C ALA C 87 1.99 -14.83 12.15
N ASP C 88 1.94 -13.50 12.17
CA ASP C 88 1.94 -12.75 13.42
C ASP C 88 0.53 -12.70 13.98
N TYR C 89 0.39 -12.93 15.28
CA TYR C 89 -0.91 -12.94 15.94
C TYR C 89 -0.95 -11.85 16.99
N TYR C 90 -1.93 -10.97 16.88
CA TYR C 90 -2.07 -9.81 17.76
C TYR C 90 -3.39 -9.90 18.49
N CYS C 91 -3.35 -9.89 19.82
CA CYS C 91 -4.55 -9.73 20.63
C CYS C 91 -4.83 -8.24 20.80
N GLN C 92 -6.10 -7.92 21.00
CA GLN C 92 -6.51 -6.53 21.04
C GLN C 92 -7.70 -6.34 21.97
N SER C 93 -7.68 -5.23 22.71
CA SER C 93 -8.86 -4.76 23.41
C SER C 93 -8.69 -3.26 23.66
N TYR C 94 -9.26 -2.76 24.76
CA TYR C 94 -9.22 -1.33 25.02
C TYR C 94 -9.44 -1.08 26.50
N ASP C 95 -8.79 -0.04 27.01
CA ASP C 95 -9.01 0.48 28.36
C ASP C 95 -9.46 1.92 28.22
N SER C 96 -10.73 2.18 28.57
CA SER C 96 -11.31 3.50 28.43
C SER C 96 -11.07 4.07 27.04
N SER C 97 -10.31 5.16 26.96
CA SER C 97 -10.12 5.90 25.72
C SER C 97 -8.95 5.40 24.89
N ASN C 98 -8.36 4.26 25.24
CA ASN C 98 -7.17 3.76 24.56
C ASN C 98 -7.42 2.34 24.07
N TRP C 99 -7.23 2.11 22.77
CA TRP C 99 -7.28 0.77 22.20
C TRP C 99 -5.88 0.19 22.15
N VAL C 100 -5.73 -1.04 22.63
CA VAL C 100 -4.44 -1.64 22.91
C VAL C 100 -4.27 -2.90 22.07
N PHE C 101 -3.10 -3.06 21.48
CA PHE C 101 -2.68 -4.28 20.81
C PHE C 101 -1.54 -4.92 21.59
N GLY C 102 -1.58 -6.24 21.69
CA GLY C 102 -0.40 -6.97 22.15
C GLY C 102 0.77 -6.78 21.21
N GLY C 103 1.97 -7.02 21.74
CA GLY C 103 3.17 -6.85 20.94
C GLY C 103 3.20 -7.71 19.70
N GLY C 104 2.45 -8.80 19.66
CA GLY C 104 2.42 -9.68 18.53
C GLY C 104 3.29 -10.91 18.73
N THR C 105 2.81 -12.06 18.26
CA THR C 105 3.54 -13.32 18.38
C THR C 105 3.68 -13.93 16.99
N LYS C 106 4.91 -14.07 16.52
CA LYS C 106 5.17 -14.78 15.28
C LYS C 106 5.04 -16.27 15.52
N LEU C 107 4.16 -16.91 14.77
CA LEU C 107 3.97 -18.35 14.82
C LEU C 107 4.67 -19.00 13.65
N THR C 108 5.51 -19.99 13.93
CA THR C 108 6.25 -20.72 12.90
C THR C 108 5.81 -22.17 12.92
N VAL C 109 5.22 -22.63 11.81
CA VAL C 109 4.88 -24.04 11.66
C VAL C 109 6.15 -24.78 11.24
N LEU C 110 6.68 -25.60 12.14
CA LEU C 110 7.84 -26.41 11.82
C LEU C 110 7.47 -27.41 10.72
N GLN C 112 11.22 -28.70 8.76
CA GLN C 112 12.56 -28.15 8.80
C GLN C 112 13.09 -28.20 10.22
N PRO C 113 14.41 -28.31 10.38
CA PRO C 113 15.00 -28.45 11.71
C PRO C 113 15.28 -27.12 12.39
N LYS C 114 15.38 -27.18 13.72
CA LYS C 114 15.72 -26.01 14.52
C LYS C 114 17.23 -25.88 14.66
N ALA C 115 17.71 -24.64 14.60
CA ALA C 115 19.14 -24.35 14.66
C ALA C 115 19.36 -23.08 15.46
N ALA C 116 20.20 -23.17 16.49
CA ALA C 116 20.57 -22.00 17.28
C ALA C 116 21.46 -21.07 16.44
N PRO C 117 21.47 -19.78 16.76
CA PRO C 117 22.26 -18.83 15.98
C PRO C 117 23.68 -18.66 16.51
N SER C 118 24.56 -18.26 15.59
CA SER C 118 25.95 -17.97 15.89
C SER C 118 26.20 -16.47 15.76
N VAL C 119 26.94 -15.90 16.71
CA VAL C 119 27.04 -14.46 16.86
C VAL C 119 28.49 -14.02 16.69
N THR C 120 28.68 -12.90 15.98
CA THR C 120 29.98 -12.27 15.80
C THR C 120 29.83 -10.77 16.04
N LEU C 121 30.80 -10.20 16.74
CA LEU C 121 30.79 -8.78 17.01
C LEU C 121 32.22 -8.29 17.21
N PHE C 122 32.53 -7.14 16.64
CA PHE C 122 33.84 -6.50 16.73
C PHE C 122 33.80 -5.18 15.98
N PRO C 123 34.01 -4.05 16.66
CA PRO C 123 33.97 -2.75 15.97
C PRO C 123 35.32 -2.05 16.05
N PRO C 124 36.32 -2.54 15.32
CA PRO C 124 37.65 -1.92 15.43
C PRO C 124 37.95 -0.98 14.28
N SER C 125 36.92 -0.51 13.57
CA SER C 125 37.09 0.44 12.48
C SER C 125 37.73 1.74 12.99
N SER C 126 38.98 1.68 13.42
CA SER C 126 39.66 2.87 13.93
C SER C 126 39.61 4.03 12.94
N GLU C 127 39.40 3.73 11.65
CA GLU C 127 39.09 4.76 10.67
C GLU C 127 37.76 5.45 10.96
N GLU C 128 36.88 4.81 11.73
CA GLU C 128 35.61 5.39 12.13
C GLU C 128 35.75 6.22 13.40
N LEU C 129 36.55 5.74 14.37
CA LEU C 129 36.92 6.56 15.51
C LEU C 129 37.73 7.78 15.08
N GLN C 130 38.24 7.78 13.85
CA GLN C 130 38.89 8.97 13.31
C GLN C 130 37.93 10.16 13.32
N ALA C 131 36.67 9.92 13.02
CA ALA C 131 35.65 10.97 13.10
C ALA C 131 35.20 11.14 14.54
N ALA C 134 31.41 6.05 16.98
CA ALA C 134 31.64 4.72 16.43
C ALA C 134 30.42 3.82 16.63
N THR C 135 29.97 3.21 15.54
CA THR C 135 28.83 2.32 15.55
C THR C 135 29.31 0.87 15.64
N LEU C 136 28.69 0.09 16.53
CA LEU C 136 29.11 -1.29 16.75
C LEU C 136 28.30 -2.25 15.88
N VAL C 137 28.73 -3.51 15.86
CA VAL C 137 28.20 -4.51 14.94
C VAL C 137 27.98 -5.81 15.72
N CYS C 138 26.79 -6.39 15.60
CA CYS C 138 26.48 -7.68 16.23
C CYS C 138 25.75 -8.52 15.19
N LEU C 139 26.47 -9.46 14.59
CA LEU C 139 25.96 -10.24 13.46
C LEU C 139 25.47 -11.61 13.93
N ILE C 140 24.36 -12.06 13.34
CA ILE C 140 23.71 -13.32 13.68
C ILE C 140 23.38 -14.05 12.38
N SER C 141 23.57 -15.37 12.36
CA SER C 141 23.33 -16.12 11.13
C SER C 141 22.97 -17.57 11.45
N ASP C 142 22.28 -18.19 10.49
CA ASP C 142 21.93 -19.61 10.51
C ASP C 142 21.11 -19.95 11.75
N PHE C 143 19.86 -19.49 11.76
CA PHE C 143 18.94 -19.83 12.83
C PHE C 143 17.54 -20.05 12.28
N TYR C 144 16.83 -21.00 12.90
CA TYR C 144 15.47 -21.35 12.58
C TYR C 144 14.80 -21.77 13.89
N PRO C 145 13.57 -21.29 14.15
CA PRO C 145 12.80 -20.36 13.32
C PRO C 145 13.34 -18.93 13.35
N GLY C 146 12.78 -18.08 12.47
CA GLY C 146 13.29 -16.73 12.29
C GLY C 146 12.72 -15.71 13.25
N ALA C 147 12.98 -15.90 14.54
CA ALA C 147 12.57 -14.95 15.57
C ALA C 147 13.68 -14.86 16.60
N VAL C 148 14.39 -13.73 16.62
CA VAL C 148 15.55 -13.54 17.48
C VAL C 148 15.37 -12.23 18.24
N THR C 149 15.65 -12.26 19.53
CA THR C 149 15.61 -11.07 20.37
C THR C 149 16.98 -10.85 20.98
N VAL C 150 17.51 -9.64 20.81
CA VAL C 150 18.86 -9.29 21.21
C VAL C 150 18.81 -8.08 22.13
N ALA C 151 19.53 -8.15 23.24
CA ALA C 151 19.64 -7.06 24.19
C ALA C 151 21.06 -6.53 24.18
N TRP C 152 21.20 -5.22 24.00
CA TRP C 152 22.50 -4.58 23.98
C TRP C 152 22.70 -3.84 25.29
N LYS C 153 23.74 -4.22 26.03
CA LYS C 153 23.95 -3.77 27.40
C LYS C 153 25.22 -2.94 27.48
N ALA C 154 25.07 -1.62 27.60
CA ALA C 154 26.21 -0.79 27.97
C ALA C 154 26.68 -1.22 29.33
N ASP C 155 27.94 -1.67 29.40
CA ASP C 155 28.48 -2.26 30.61
C ASP C 155 27.66 -3.49 30.97
N SER C 156 26.73 -3.35 31.91
CA SER C 156 25.74 -4.37 32.18
C SER C 156 24.32 -3.79 32.15
N SER C 157 24.16 -2.59 31.62
CA SER C 157 22.91 -1.84 31.57
C SER C 157 22.46 -1.62 30.13
N PRO C 158 21.18 -1.85 29.83
CA PRO C 158 20.73 -1.80 28.44
C PRO C 158 20.80 -0.40 27.85
N VAL C 159 20.83 -0.35 26.53
CA VAL C 159 20.86 0.89 25.78
C VAL C 159 19.65 0.95 24.86
N LYS C 160 19.30 2.17 24.48
CA LYS C 160 18.27 2.42 23.50
C LYS C 160 18.83 2.94 22.17
N ALA C 161 20.15 3.06 22.06
CA ALA C 161 20.77 3.42 20.80
C ALA C 161 20.88 2.24 19.84
N GLY C 162 20.36 1.07 20.23
CA GLY C 162 20.53 -0.13 19.41
C GLY C 162 19.56 -0.19 18.25
N VAL C 163 20.10 -0.46 17.06
CA VAL C 163 19.32 -0.61 15.84
C VAL C 163 19.31 -2.08 15.46
N GLU C 164 18.26 -2.51 14.77
CA GLU C 164 18.07 -3.93 14.48
C GLU C 164 17.45 -4.12 13.11
N THR C 165 17.75 -5.26 12.48
CA THR C 165 17.16 -5.65 11.21
C THR C 165 15.94 -6.56 11.44
N THR C 166 15.25 -6.88 10.35
CA THR C 166 13.94 -7.51 10.40
C THR C 166 14.01 -9.03 10.24
N THR C 167 15.16 -9.65 10.53
CA THR C 167 15.31 -11.10 10.51
C THR C 167 14.90 -11.69 9.16
N PRO C 168 15.70 -11.53 8.12
CA PRO C 168 15.35 -12.08 6.81
C PRO C 168 15.86 -13.50 6.61
N SER C 169 15.33 -14.14 5.57
CA SER C 169 15.68 -15.52 5.23
C SER C 169 16.81 -15.52 4.20
N LYS C 170 17.89 -16.23 4.52
CA LYS C 170 19.11 -16.20 3.71
C LYS C 170 19.06 -17.28 2.63
N GLN C 171 18.40 -16.95 1.53
CA GLN C 171 18.46 -17.72 0.27
C GLN C 171 17.92 -19.13 0.49
N SER C 172 18.47 -20.11 -0.23
CA SER C 172 17.96 -21.46 -0.25
C SER C 172 18.23 -22.23 1.04
N ASN C 173 18.98 -21.66 1.98
CA ASN C 173 19.15 -22.31 3.28
C ASN C 173 17.82 -22.43 4.01
N ASN C 174 16.90 -21.50 3.76
CA ASN C 174 15.59 -21.41 4.40
C ASN C 174 15.70 -21.05 5.88
N LYS C 175 16.90 -21.08 6.44
CA LYS C 175 17.13 -20.57 7.77
C LYS C 175 17.11 -19.04 7.71
N TYR C 176 17.51 -18.39 8.80
CA TYR C 176 17.41 -16.95 8.91
C TYR C 176 18.70 -16.37 9.46
N ALA C 177 18.90 -15.08 9.19
CA ALA C 177 20.12 -14.38 9.59
C ALA C 177 19.79 -12.89 9.68
N ALA C 178 20.11 -12.29 10.82
CA ALA C 178 19.82 -10.88 11.08
C ALA C 178 21.10 -10.15 11.46
N SER C 179 21.01 -8.82 11.48
CA SER C 179 22.11 -7.98 11.93
C SER C 179 21.57 -6.82 12.76
N SER C 180 22.39 -6.35 13.70
CA SER C 180 22.02 -5.25 14.59
C SER C 180 23.23 -4.38 14.87
N TYR C 181 23.02 -3.06 14.82
CA TYR C 181 24.07 -2.03 15.03
C TYR C 181 23.63 -1.01 16.10
N LEU C 182 24.61 -0.37 16.74
CA LEU C 182 24.34 0.65 17.79
C LEU C 182 25.47 1.69 17.81
N SER C 183 25.11 2.96 18.01
CA SER C 183 26.08 4.09 18.12
C SER C 183 26.58 4.15 19.56
N LEU C 184 27.89 4.23 19.76
CA LEU C 184 28.48 4.18 21.11
C LEU C 184 29.60 5.20 21.22
N THR C 185 30.03 5.43 22.47
CA THR C 185 31.19 6.18 22.96
C THR C 185 32.28 5.22 23.43
N PRO C 186 33.56 5.58 23.29
CA PRO C 186 34.61 4.67 23.74
C PRO C 186 34.53 4.31 25.21
N GLU C 187 34.04 5.24 26.03
CA GLU C 187 33.99 5.12 27.52
C GLU C 187 33.34 3.82 28.03
N GLN C 188 32.16 3.47 27.53
CA GLN C 188 31.41 2.34 28.08
C GLN C 188 32.10 1.01 27.78
N TRP C 189 32.68 0.87 26.59
CA TRP C 189 33.37 -0.38 26.29
C TRP C 189 34.65 -0.51 27.11
N LYS C 190 35.28 0.62 27.43
CA LYS C 190 36.42 0.58 28.35
C LYS C 190 35.95 0.42 29.79
N SER C 191 34.86 1.09 30.15
CA SER C 191 34.34 1.13 31.51
C SER C 191 34.16 -0.26 32.10
N HIS C 192 33.16 -0.99 31.63
CA HIS C 192 32.98 -2.37 32.05
C HIS C 192 34.02 -3.26 31.38
N ARG C 193 34.22 -4.45 31.95
CA ARG C 193 35.21 -5.36 31.40
C ARG C 193 34.82 -5.81 30.01
N SER C 194 33.53 -6.00 29.77
CA SER C 194 32.97 -6.29 28.46
C SER C 194 31.94 -5.22 28.10
N TYR C 195 31.34 -5.36 26.92
CA TYR C 195 30.25 -4.50 26.45
C TYR C 195 29.22 -5.38 25.74
N SER C 196 28.84 -6.48 26.39
CA SER C 196 28.28 -7.65 25.72
C SER C 196 27.07 -7.33 24.84
N CYS C 197 26.79 -8.27 23.92
CA CYS C 197 25.63 -8.23 23.03
C CYS C 197 25.00 -9.62 23.03
N GLN C 198 23.87 -9.79 23.72
CA GLN C 198 23.31 -11.11 23.96
C GLN C 198 22.13 -11.42 23.05
N VAL C 199 22.08 -12.66 22.57
CA VAL C 199 21.04 -13.14 21.67
C VAL C 199 20.23 -14.22 22.37
N THR C 200 18.91 -14.10 22.29
CA THR C 200 17.98 -15.11 22.80
C THR C 200 17.14 -15.62 21.64
N HIS C 201 17.16 -16.94 21.43
CA HIS C 201 16.49 -17.53 20.28
C HIS C 201 15.26 -18.34 20.70
N GLU C 202 15.47 -19.59 21.11
CA GLU C 202 14.42 -20.45 21.59
C GLU C 202 14.49 -20.56 23.12
N GLY C 203 13.81 -21.57 23.67
CA GLY C 203 13.93 -21.82 25.10
C GLY C 203 15.34 -22.08 25.53
N SER C 204 16.15 -22.66 24.64
CA SER C 204 17.58 -22.86 24.90
C SER C 204 18.34 -21.67 24.35
N THR C 205 18.60 -20.68 25.21
CA THR C 205 19.51 -19.58 24.90
C THR C 205 20.59 -19.60 25.98
N VAL C 206 21.51 -20.55 25.84
CA VAL C 206 22.56 -20.74 26.84
C VAL C 206 23.43 -19.50 26.95
N GLU C 207 24.00 -19.07 25.83
CA GLU C 207 24.84 -17.89 25.83
C GLU C 207 24.45 -16.95 24.72
N LYS C 208 25.09 -17.08 23.56
CA LYS C 208 24.87 -16.24 22.39
C LYS C 208 25.11 -14.77 22.74
N THR C 209 26.35 -14.49 23.14
CA THR C 209 26.77 -13.14 23.50
C THR C 209 28.30 -13.03 23.53
N VAL C 210 28.85 -12.17 22.68
CA VAL C 210 30.28 -11.92 22.65
C VAL C 210 30.59 -10.78 23.63
N ALA C 211 31.86 -10.66 24.00
CA ALA C 211 32.35 -9.65 24.95
C ALA C 211 33.18 -8.60 24.21
N PRO C 212 32.59 -7.51 23.75
CA PRO C 212 33.36 -6.47 23.07
C PRO C 212 34.14 -5.59 24.03
N THR C 213 34.96 -4.75 23.42
CA THR C 213 35.61 -3.64 24.08
C THR C 213 35.92 -2.59 23.03
N THR D 1 9.65 36.79 -34.11
CA THR D 1 8.92 35.53 -34.15
C THR D 1 8.80 35.02 -35.58
N ASN D 2 9.93 34.67 -36.19
CA ASN D 2 9.94 33.90 -37.42
C ASN D 2 9.82 32.43 -37.03
N LEU D 3 8.70 31.82 -37.36
CA LEU D 3 8.40 30.46 -36.94
C LEU D 3 8.98 29.45 -37.92
N CYS D 4 9.59 28.40 -37.36
CA CYS D 4 10.25 27.41 -38.18
C CYS D 4 9.24 26.76 -39.14
N PRO D 5 9.61 26.55 -40.39
CA PRO D 5 8.65 26.09 -41.41
C PRO D 5 8.35 24.60 -41.31
N PHE D 6 7.89 24.17 -40.14
CA PHE D 6 7.59 22.75 -39.93
C PHE D 6 6.30 22.35 -40.64
N GLY D 7 5.26 23.17 -40.52
CA GLY D 7 3.99 22.84 -41.16
C GLY D 7 4.12 22.65 -42.66
N GLU D 8 5.05 23.36 -43.30
CA GLU D 8 5.23 23.26 -44.73
C GLU D 8 5.88 21.94 -45.12
N VAL D 9 6.70 21.37 -44.24
CA VAL D 9 7.22 20.02 -44.47
C VAL D 9 6.08 19.01 -44.44
N PHE D 10 5.10 19.23 -43.55
CA PHE D 10 4.05 18.24 -43.37
C PHE D 10 2.93 18.37 -44.41
N ASN D 11 2.56 19.60 -44.78
CA ASN D 11 1.42 19.78 -45.70
C ASN D 11 1.84 19.99 -47.15
N ALA D 12 3.10 19.71 -47.49
CA ALA D 12 3.55 19.85 -48.88
C ALA D 12 2.68 19.03 -49.82
N THR D 13 2.44 19.58 -51.02
CA THR D 13 1.63 18.86 -52.00
C THR D 13 2.35 17.61 -52.50
N ARG D 14 3.66 17.71 -52.74
CA ARG D 14 4.43 16.60 -53.28
C ARG D 14 5.48 16.16 -52.29
N PHE D 15 5.67 14.84 -52.21
CA PHE D 15 6.70 14.22 -51.38
C PHE D 15 7.67 13.48 -52.28
N ALA D 16 8.93 13.43 -51.87
CA ALA D 16 9.97 12.80 -52.68
C ALA D 16 9.86 11.28 -52.63
N SER D 17 10.40 10.64 -53.66
CA SER D 17 10.63 9.20 -53.61
C SER D 17 11.68 8.89 -52.54
N VAL D 18 11.54 7.71 -51.92
CA VAL D 18 12.39 7.38 -50.78
C VAL D 18 13.85 7.29 -51.18
N TYR D 19 14.14 6.81 -52.39
CA TYR D 19 15.54 6.72 -52.82
C TYR D 19 16.17 8.09 -52.97
N ALA D 20 15.37 9.10 -53.32
CA ALA D 20 15.85 10.47 -53.43
C ALA D 20 15.19 11.33 -52.35
N TRP D 21 15.23 10.86 -51.11
CA TRP D 21 14.49 11.50 -50.03
C TRP D 21 14.90 12.95 -49.86
N ASN D 22 13.91 13.80 -49.58
CA ASN D 22 14.12 15.23 -49.45
C ASN D 22 14.63 15.58 -48.06
N ARG D 23 15.61 16.49 -48.01
CA ARG D 23 16.10 17.03 -46.75
C ARG D 23 15.94 18.55 -46.76
N LYS D 24 15.20 19.06 -45.79
CA LYS D 24 15.04 20.49 -45.57
C LYS D 24 15.70 20.86 -44.25
N ARG D 25 16.71 21.72 -44.32
CA ARG D 25 17.37 22.21 -43.11
C ARG D 25 16.53 23.30 -42.45
N ILE D 26 16.31 23.15 -41.15
CA ILE D 26 15.56 24.11 -40.34
C ILE D 26 16.55 24.83 -39.43
N SER D 27 16.71 26.13 -39.62
CA SER D 27 17.66 26.89 -38.81
C SER D 27 17.16 28.32 -38.60
N ASN D 28 17.70 28.95 -37.55
CA ASN D 28 17.52 30.38 -37.29
C ASN D 28 16.05 30.75 -37.18
N CYS D 29 15.32 30.03 -36.32
CA CYS D 29 13.90 30.27 -36.16
C CYS D 29 13.44 29.72 -34.81
N VAL D 30 12.26 30.15 -34.40
CA VAL D 30 11.58 29.58 -33.23
C VAL D 30 10.66 28.47 -33.72
N ALA D 31 10.74 27.30 -33.08
CA ALA D 31 10.05 26.11 -33.58
C ALA D 31 8.61 26.06 -33.10
N ASP D 32 7.67 26.01 -34.04
CA ASP D 32 6.28 25.69 -33.76
C ASP D 32 6.08 24.19 -33.99
N TYR D 33 5.89 23.44 -32.91
CA TYR D 33 5.66 22.01 -32.98
C TYR D 33 4.19 21.64 -32.98
N SER D 34 3.29 22.63 -33.05
CA SER D 34 1.86 22.37 -32.91
C SER D 34 1.33 21.36 -33.92
N VAL D 35 2.00 21.21 -35.07
CA VAL D 35 1.58 20.19 -36.04
C VAL D 35 1.72 18.81 -35.43
N LEU D 36 2.64 18.64 -34.48
CA LEU D 36 2.83 17.37 -33.78
C LEU D 36 1.79 17.12 -32.70
N TYR D 37 1.04 18.14 -32.28
CA TYR D 37 0.17 17.98 -31.11
C TYR D 37 -0.99 17.05 -31.40
N ASN D 38 -1.46 16.98 -32.64
CA ASN D 38 -2.61 16.14 -32.97
C ASN D 38 -2.11 14.78 -33.44
N SER D 39 -1.65 14.00 -32.47
CA SER D 39 -1.09 12.67 -32.74
C SER D 39 -2.10 11.73 -33.37
N ALA D 40 -3.40 12.07 -33.32
CA ALA D 40 -4.42 11.19 -33.87
C ALA D 40 -4.38 11.14 -35.39
N SER D 41 -3.79 12.14 -36.05
CA SER D 41 -3.72 12.18 -37.50
C SER D 41 -2.48 11.47 -38.04
N PHE D 42 -1.72 10.78 -37.19
CA PHE D 42 -0.55 10.03 -37.60
C PHE D 42 -0.76 8.55 -37.32
N SER D 43 -0.16 7.71 -38.15
CA SER D 43 -0.19 6.27 -37.88
C SER D 43 0.97 5.81 -37.00
N THR D 44 2.15 6.45 -37.09
CA THR D 44 3.24 6.21 -36.17
C THR D 44 3.79 7.56 -35.73
N PHE D 45 3.98 7.71 -34.42
CA PHE D 45 4.55 8.91 -33.85
C PHE D 45 5.44 8.47 -32.69
N LYS D 46 6.75 8.57 -32.88
CA LYS D 46 7.70 8.15 -31.88
C LYS D 46 8.95 9.00 -32.03
N CYS D 47 9.48 9.48 -30.91
CA CYS D 47 10.76 10.16 -30.89
C CYS D 47 11.83 9.27 -30.29
N TYR D 48 13.08 9.69 -30.46
CA TYR D 48 14.24 8.91 -30.08
C TYR D 48 15.27 9.86 -29.47
N GLY D 49 15.80 9.49 -28.30
CA GLY D 49 16.75 10.34 -27.62
C GLY D 49 16.17 11.63 -27.09
N VAL D 50 14.85 11.74 -27.02
CA VAL D 50 14.17 12.95 -26.59
C VAL D 50 12.68 12.66 -26.44
N SER D 51 12.04 13.35 -25.51
CA SER D 51 10.60 13.22 -25.46
C SER D 51 9.94 14.39 -26.19
N PRO D 52 8.90 14.14 -26.97
CA PRO D 52 8.17 15.26 -27.59
C PRO D 52 7.69 16.27 -26.58
N THR D 53 7.36 15.82 -25.36
CA THR D 53 6.85 16.69 -24.31
C THR D 53 7.91 17.64 -23.77
N LYS D 54 9.17 17.49 -24.16
CA LYS D 54 10.23 18.41 -23.76
C LYS D 54 10.72 19.30 -24.90
N LEU D 55 10.22 19.09 -26.13
CA LEU D 55 10.74 19.80 -27.29
C LEU D 55 10.55 21.30 -27.18
N ASN D 56 9.46 21.74 -26.55
CA ASN D 56 9.17 23.17 -26.46
C ASN D 56 10.17 23.92 -25.57
N ASP D 57 10.99 23.20 -24.81
CA ASP D 57 11.97 23.81 -23.92
C ASP D 57 13.41 23.46 -24.29
N LEU D 58 13.67 23.11 -25.55
CA LEU D 58 14.99 22.68 -25.97
C LEU D 58 15.50 23.54 -27.12
N CYS D 59 16.82 23.56 -27.27
CA CYS D 59 17.50 24.30 -28.33
C CYS D 59 18.46 23.36 -29.04
N PHE D 60 18.67 23.60 -30.33
CA PHE D 60 19.49 22.73 -31.16
C PHE D 60 20.29 23.56 -32.14
N THR D 61 21.43 23.00 -32.58
CA THR D 61 22.23 23.68 -33.59
C THR D 61 21.50 23.70 -34.92
N ASN D 62 20.92 22.57 -35.32
CA ASN D 62 20.09 22.48 -36.51
C ASN D 62 19.04 21.41 -36.32
N VAL D 63 17.93 21.56 -37.03
CA VAL D 63 16.94 20.50 -37.20
C VAL D 63 16.85 20.18 -38.69
N TYR D 64 16.88 18.89 -39.02
CA TYR D 64 16.62 18.43 -40.36
C TYR D 64 15.25 17.77 -40.44
N ALA D 65 14.50 18.11 -41.47
CA ALA D 65 13.23 17.47 -41.77
C ALA D 65 13.42 16.67 -43.05
N ASP D 66 13.42 15.35 -42.92
CA ASP D 66 13.49 14.44 -44.06
C ASP D 66 12.09 13.91 -44.33
N SER D 67 11.73 13.84 -45.61
CA SER D 67 10.40 13.38 -45.99
C SER D 67 10.47 12.56 -47.26
N PHE D 68 9.53 11.62 -47.38
CA PHE D 68 9.48 10.67 -48.49
C PHE D 68 8.24 9.80 -48.37
N VAL D 69 8.01 8.94 -49.38
CA VAL D 69 6.87 8.03 -49.40
C VAL D 69 7.37 6.60 -49.44
N ILE D 70 6.75 5.74 -48.63
CA ILE D 70 6.95 4.30 -48.64
C ILE D 70 5.59 3.66 -48.42
N ARG D 71 5.55 2.33 -48.49
CA ARG D 71 4.30 1.65 -48.21
C ARG D 71 4.22 1.23 -46.74
N GLY D 72 3.05 0.71 -46.37
CA GLY D 72 2.74 0.54 -44.95
C GLY D 72 3.69 -0.42 -44.26
N ASP D 73 3.92 -1.60 -44.85
CA ASP D 73 4.77 -2.61 -44.22
C ASP D 73 6.21 -2.15 -44.04
N GLU D 74 6.59 -0.98 -44.57
CA GLU D 74 7.96 -0.53 -44.52
C GLU D 74 8.21 0.61 -43.54
N VAL D 75 7.16 1.19 -42.94
CA VAL D 75 7.35 2.31 -42.04
C VAL D 75 8.12 1.87 -40.80
N ARG D 76 7.93 0.62 -40.37
CA ARG D 76 8.67 0.09 -39.23
C ARG D 76 10.17 0.12 -39.44
N GLN D 77 10.63 0.19 -40.69
CA GLN D 77 12.06 0.25 -40.97
C GLN D 77 12.64 1.64 -40.75
N ILE D 78 11.81 2.67 -40.65
CA ILE D 78 12.29 4.02 -40.37
C ILE D 78 12.47 4.14 -38.87
N ALA D 79 13.48 3.43 -38.35
CA ALA D 79 13.81 3.42 -36.93
C ALA D 79 15.25 2.98 -36.79
N PRO D 80 15.96 3.41 -35.76
CA PRO D 80 17.35 3.00 -35.60
C PRO D 80 17.47 1.49 -35.46
N GLY D 81 18.48 0.92 -36.13
CA GLY D 81 18.80 -0.48 -36.01
C GLY D 81 17.97 -1.43 -36.84
N GLN D 82 17.19 -0.94 -37.80
CA GLN D 82 16.31 -1.79 -38.58
C GLN D 82 17.00 -2.27 -39.86
N THR D 83 16.40 -3.29 -40.48
CA THR D 83 16.88 -3.83 -41.74
C THR D 83 15.71 -4.01 -42.71
N GLY D 84 16.07 -4.28 -43.96
CA GLY D 84 15.13 -4.34 -45.06
C GLY D 84 15.58 -3.46 -46.21
N LYS D 85 14.85 -3.56 -47.31
CA LYS D 85 15.27 -2.85 -48.52
C LYS D 85 15.23 -1.33 -48.32
N ILE D 86 14.27 -0.84 -47.54
CA ILE D 86 14.23 0.59 -47.26
C ILE D 86 15.43 1.01 -46.41
N ALA D 87 15.63 0.34 -45.27
CA ALA D 87 16.68 0.76 -44.35
C ALA D 87 18.07 0.45 -44.88
N ASP D 88 18.22 -0.61 -45.67
CA ASP D 88 19.52 -0.94 -46.22
C ASP D 88 19.87 -0.05 -47.41
N TYR D 89 18.94 0.09 -48.37
CA TYR D 89 19.25 0.66 -49.67
C TYR D 89 18.65 2.03 -49.92
N ASN D 90 17.79 2.55 -49.04
CA ASN D 90 17.07 3.78 -49.33
C ASN D 90 17.25 4.86 -48.28
N TYR D 91 16.97 4.57 -47.01
CA TYR D 91 17.07 5.59 -45.97
C TYR D 91 17.41 4.91 -44.64
N LYS D 92 18.57 5.24 -44.10
CA LYS D 92 19.09 4.59 -42.90
C LYS D 92 19.23 5.61 -41.77
N LEU D 93 18.60 5.32 -40.63
CA LEU D 93 18.80 6.12 -39.43
C LEU D 93 19.97 5.58 -38.62
N PRO D 94 20.76 6.46 -38.00
CA PRO D 94 21.87 5.99 -37.15
C PRO D 94 21.38 5.36 -35.86
N ASP D 95 22.27 4.57 -35.26
CA ASP D 95 21.93 3.91 -34.00
C ASP D 95 21.72 4.91 -32.87
N ASP D 96 22.51 5.98 -32.85
CA ASP D 96 22.36 7.03 -31.84
C ASP D 96 21.45 8.16 -32.31
N PHE D 97 20.40 7.82 -33.06
CA PHE D 97 19.49 8.82 -33.60
C PHE D 97 18.83 9.60 -32.48
N THR D 98 18.77 10.92 -32.65
CA THR D 98 18.00 11.80 -31.76
C THR D 98 17.06 12.63 -32.62
N GLY D 99 15.77 12.31 -32.54
CA GLY D 99 14.78 12.98 -33.34
C GLY D 99 13.47 12.21 -33.28
N CYS D 100 12.57 12.55 -34.20
CA CYS D 100 11.25 11.94 -34.22
C CYS D 100 10.92 11.40 -35.61
N VAL D 101 10.11 10.34 -35.62
CA VAL D 101 9.62 9.73 -36.85
C VAL D 101 8.10 9.88 -36.87
N ILE D 102 7.57 10.45 -37.94
CA ILE D 102 6.14 10.68 -38.10
C ILE D 102 5.71 10.14 -39.46
N ALA D 103 4.57 9.46 -39.50
CA ALA D 103 4.05 8.90 -40.73
C ALA D 103 2.53 8.86 -40.68
N TRP D 104 1.91 8.90 -41.86
CA TRP D 104 0.47 8.77 -41.96
C TRP D 104 0.11 8.12 -43.29
N ASN D 105 -1.07 7.50 -43.32
CA ASN D 105 -1.60 6.93 -44.55
C ASN D 105 -1.99 8.05 -45.52
N SER D 106 -1.40 8.05 -46.70
CA SER D 106 -1.67 9.05 -47.73
C SER D 106 -2.31 8.43 -48.96
N ASN D 107 -3.17 7.43 -48.74
CA ASN D 107 -3.83 6.76 -49.85
C ASN D 107 -4.68 7.74 -50.67
N ASN D 108 -5.32 8.68 -49.99
CA ASN D 108 -6.15 9.68 -50.67
C ASN D 108 -5.34 10.71 -51.44
N LEU D 109 -4.01 10.60 -51.46
CA LEU D 109 -3.15 11.52 -52.20
C LEU D 109 -2.26 10.83 -53.21
N ASP D 110 -1.75 9.64 -52.90
CA ASP D 110 -0.62 9.07 -53.62
C ASP D 110 -0.97 7.78 -54.34
N SER D 111 -2.23 7.35 -54.31
CA SER D 111 -2.68 6.17 -55.05
C SER D 111 -3.65 6.58 -56.14
N LYS D 112 -3.50 5.97 -57.31
CA LYS D 112 -4.37 6.24 -58.45
C LYS D 112 -5.02 4.96 -58.93
N VAL D 113 -6.16 5.11 -59.60
CA VAL D 113 -7.01 3.97 -59.95
C VAL D 113 -6.23 2.96 -60.79
N GLY D 114 -5.54 3.44 -61.81
CA GLY D 114 -4.67 2.58 -62.59
C GLY D 114 -3.36 2.22 -61.94
N GLY D 115 -3.11 2.71 -60.73
CA GLY D 115 -1.78 2.61 -60.16
C GLY D 115 -1.05 3.91 -60.39
N ASN D 116 -0.35 4.42 -59.37
CA ASN D 116 0.37 5.69 -59.51
C ASN D 116 1.69 5.48 -60.24
N TYR D 117 2.55 4.64 -59.69
CA TYR D 117 3.85 4.23 -60.25
C TYR D 117 4.88 5.34 -60.32
N ASN D 118 4.59 6.55 -59.84
CA ASN D 118 5.60 7.61 -59.86
C ASN D 118 6.59 7.49 -58.71
N TYR D 119 6.21 6.82 -57.63
CA TYR D 119 7.07 6.69 -56.46
C TYR D 119 7.99 5.48 -56.64
N LEU D 120 9.30 5.72 -56.51
CA LEU D 120 10.30 4.70 -56.72
C LEU D 120 10.99 4.34 -55.41
N TYR D 121 11.63 3.17 -55.41
CA TYR D 121 12.53 2.75 -54.35
C TYR D 121 13.67 1.97 -54.98
N ARG D 122 14.81 1.94 -54.29
CA ARG D 122 15.96 1.20 -54.76
C ARG D 122 15.88 -0.25 -54.31
N LEU D 123 16.00 -1.17 -55.27
CA LEU D 123 15.89 -2.60 -55.00
C LEU D 123 17.22 -3.25 -54.64
N PHE D 124 18.32 -2.76 -55.18
CA PHE D 124 19.60 -3.46 -55.11
C PHE D 124 20.71 -2.47 -54.80
N ARG D 125 21.75 -2.96 -54.13
CA ARG D 125 22.92 -2.13 -53.89
C ARG D 125 24.08 -3.03 -53.45
N LYS D 126 25.28 -2.70 -53.92
CA LYS D 126 26.47 -3.48 -53.58
C LYS D 126 26.73 -3.51 -52.07
N SER D 127 26.18 -2.57 -51.32
CA SER D 127 26.39 -2.50 -49.89
C SER D 127 25.31 -1.61 -49.27
N ASN D 128 25.14 -1.74 -47.96
CA ASN D 128 24.15 -0.95 -47.25
C ASN D 128 24.54 0.53 -47.21
N LEU D 129 23.53 1.39 -47.13
CA LEU D 129 23.76 2.80 -46.92
C LEU D 129 24.26 3.10 -45.51
N LYS D 130 25.12 4.10 -45.41
CA LYS D 130 25.48 4.68 -44.12
C LYS D 130 24.37 5.60 -43.65
N PRO D 131 24.29 5.86 -42.35
CA PRO D 131 23.21 6.71 -41.82
C PRO D 131 23.14 8.06 -42.54
N PHE D 132 21.94 8.37 -43.03
CA PHE D 132 21.60 9.64 -43.69
C PHE D 132 22.28 9.80 -45.05
N GLU D 133 22.74 8.70 -45.65
CA GLU D 133 23.25 8.74 -47.01
C GLU D 133 22.08 8.68 -47.99
N ARG D 134 22.28 9.29 -49.15
CA ARG D 134 21.31 9.25 -50.23
C ARG D 134 21.97 8.74 -51.50
N ASP D 135 21.28 7.85 -52.20
CA ASP D 135 21.80 7.21 -53.41
C ASP D 135 20.78 7.38 -54.50
N ILE D 136 21.08 8.24 -55.48
CA ILE D 136 20.19 8.51 -56.60
C ILE D 136 20.79 8.04 -57.92
N SER D 137 21.86 7.24 -57.87
CA SER D 137 22.46 6.73 -59.09
C SER D 137 21.61 5.60 -59.66
N THR D 138 21.77 5.36 -60.96
CA THR D 138 20.93 4.39 -61.66
C THR D 138 21.77 3.49 -62.57
N GLU D 139 22.96 3.12 -62.12
CA GLU D 139 23.73 2.14 -62.86
C GLU D 139 23.08 0.76 -62.75
N ILE D 140 23.24 -0.03 -63.80
CA ILE D 140 22.64 -1.36 -63.83
C ILE D 140 23.28 -2.22 -62.74
N TYR D 141 22.44 -2.86 -61.93
CA TYR D 141 22.94 -3.68 -60.83
C TYR D 141 23.29 -5.07 -61.34
N GLN D 142 24.52 -5.49 -61.07
CA GLN D 142 25.00 -6.81 -61.48
C GLN D 142 24.56 -7.84 -60.44
N ALA D 143 23.52 -8.61 -60.78
CA ALA D 143 22.97 -9.56 -59.85
C ALA D 143 23.72 -10.89 -59.83
N GLY D 144 24.47 -11.20 -60.88
CA GLY D 144 25.18 -12.47 -60.94
C GLY D 144 26.67 -12.30 -61.01
N SER D 145 27.38 -13.36 -61.38
CA SER D 145 28.84 -13.30 -61.45
C SER D 145 29.33 -12.65 -62.75
N THR D 146 28.50 -12.66 -63.80
CA THR D 146 28.91 -12.10 -65.09
C THR D 146 28.55 -10.62 -65.14
N PRO D 147 29.50 -9.75 -65.46
CA PRO D 147 29.23 -8.31 -65.40
C PRO D 147 28.30 -7.83 -66.51
N CYS D 148 27.55 -6.78 -66.19
CA CYS D 148 26.76 -6.08 -67.19
C CYS D 148 27.61 -4.97 -67.80
N ASN D 149 27.34 -4.69 -69.08
CA ASN D 149 28.06 -3.62 -69.76
C ASN D 149 27.12 -2.44 -69.99
N GLY D 150 26.50 -1.95 -68.91
CA GLY D 150 25.48 -0.93 -69.01
C GLY D 150 24.23 -1.39 -69.71
N VAL D 151 24.09 -2.68 -69.99
CA VAL D 151 22.94 -3.22 -70.72
C VAL D 151 22.14 -4.09 -69.77
N GLU D 152 20.82 -3.95 -69.81
CA GLU D 152 19.93 -4.72 -68.97
C GLU D 152 19.79 -6.15 -69.48
N GLY D 153 19.16 -6.98 -68.67
CA GLY D 153 18.85 -8.35 -69.04
C GLY D 153 18.69 -9.20 -67.80
N PHE D 154 18.88 -10.51 -67.99
CA PHE D 154 18.83 -11.43 -66.87
C PHE D 154 19.99 -11.17 -65.92
N ASN D 155 19.67 -11.04 -64.63
CA ASN D 155 20.67 -10.79 -63.58
C ASN D 155 21.42 -9.49 -63.80
N CYS D 156 20.81 -8.55 -64.52
CA CYS D 156 21.39 -7.23 -64.80
C CYS D 156 20.23 -6.25 -64.76
N TYR D 157 19.99 -5.69 -63.58
CA TYR D 157 18.70 -5.08 -63.25
C TYR D 157 18.83 -3.57 -63.12
N PHE D 158 17.84 -2.86 -63.64
CA PHE D 158 17.68 -1.46 -63.28
C PHE D 158 17.42 -1.37 -61.78
N PRO D 159 18.16 -0.55 -61.04
CA PRO D 159 18.15 -0.66 -59.57
C PRO D 159 16.95 -0.03 -58.91
N LEU D 160 16.20 0.82 -59.59
CA LEU D 160 15.02 1.47 -59.03
C LEU D 160 13.77 0.81 -59.57
N GLN D 161 12.86 0.39 -58.67
CA GLN D 161 11.58 -0.13 -59.08
C GLN D 161 10.47 0.75 -58.50
N SER D 162 9.30 0.63 -59.10
CA SER D 162 8.18 1.52 -58.85
C SER D 162 7.16 0.85 -57.92
N TYR D 163 6.67 1.63 -56.96
CA TYR D 163 5.52 1.17 -56.20
C TYR D 163 4.29 1.14 -57.09
N GLY D 164 3.33 0.29 -56.72
CA GLY D 164 2.06 0.28 -57.40
C GLY D 164 0.94 0.66 -56.46
N PHE D 165 0.69 1.96 -56.33
CA PHE D 165 -0.24 2.48 -55.33
C PHE D 165 -1.63 2.57 -55.95
N GLN D 166 -2.45 1.57 -55.68
CA GLN D 166 -3.83 1.52 -56.14
C GLN D 166 -4.76 1.60 -54.94
N PRO D 167 -5.82 2.41 -55.02
CA PRO D 167 -6.65 2.68 -53.84
C PRO D 167 -7.22 1.42 -53.18
N THR D 168 -7.17 0.28 -53.84
CA THR D 168 -7.72 -0.96 -53.30
C THR D 168 -6.66 -1.89 -52.74
N ASN D 169 -5.42 -1.44 -52.61
CA ASN D 169 -4.41 -2.24 -51.94
C ASN D 169 -4.75 -2.39 -50.46
N GLY D 170 -4.15 -3.40 -49.83
CA GLY D 170 -4.17 -3.47 -48.39
C GLY D 170 -3.30 -2.39 -47.79
N VAL D 171 -3.63 -1.98 -46.56
CA VAL D 171 -2.96 -0.84 -45.94
C VAL D 171 -1.45 -1.04 -45.91
N GLY D 172 -1.00 -2.29 -45.77
CA GLY D 172 0.42 -2.57 -45.81
C GLY D 172 1.06 -2.29 -47.16
N TYR D 173 0.24 -2.15 -48.21
CA TYR D 173 0.73 -1.84 -49.54
C TYR D 173 0.26 -0.47 -50.04
N GLN D 174 -0.37 0.31 -49.16
CA GLN D 174 -0.79 1.67 -49.46
C GLN D 174 0.33 2.65 -49.19
N PRO D 175 0.31 3.83 -49.83
CA PRO D 175 1.40 4.78 -49.63
C PRO D 175 1.30 5.47 -48.28
N TYR D 176 2.47 5.68 -47.66
CA TYR D 176 2.58 6.40 -46.40
C TYR D 176 3.59 7.51 -46.56
N ARG D 177 3.20 8.73 -46.17
CA ARG D 177 4.12 9.85 -46.14
C ARG D 177 4.84 9.87 -44.80
N VAL D 178 6.16 9.96 -44.85
CA VAL D 178 7.00 9.88 -43.66
C VAL D 178 7.75 11.19 -43.50
N VAL D 179 7.82 11.67 -42.26
CA VAL D 179 8.64 12.83 -41.91
C VAL D 179 9.58 12.40 -40.80
N VAL D 180 10.86 12.71 -40.96
CA VAL D 180 11.88 12.36 -39.97
C VAL D 180 12.55 13.65 -39.55
N LEU D 181 12.32 14.04 -38.30
CA LEU D 181 13.00 15.19 -37.70
C LEU D 181 14.20 14.66 -36.93
N SER D 182 15.36 15.24 -37.20
CA SER D 182 16.57 14.94 -36.45
C SER D 182 17.04 16.22 -35.78
N PHE D 183 17.29 16.15 -34.48
CA PHE D 183 17.68 17.31 -33.69
C PHE D 183 19.18 17.22 -33.42
N GLU D 184 19.92 18.23 -33.87
CA GLU D 184 21.37 18.20 -33.93
C GLU D 184 21.94 19.12 -32.86
N LEU D 185 22.84 18.58 -32.04
CA LEU D 185 23.53 19.35 -31.00
C LEU D 185 25.03 19.25 -31.30
N LEU D 186 25.57 20.31 -31.91
CA LEU D 186 26.97 20.39 -32.27
C LEU D 186 27.72 21.29 -31.29
N HIS D 187 29.01 21.46 -31.55
CA HIS D 187 29.82 22.43 -30.81
C HIS D 187 29.74 23.79 -31.51
N ALA D 188 28.52 24.31 -31.51
CA ALA D 188 28.17 25.51 -32.23
C ALA D 188 26.94 26.11 -31.55
N PRO D 189 26.68 27.41 -31.76
CA PRO D 189 25.52 28.03 -31.10
C PRO D 189 24.20 27.44 -31.59
N ALA D 190 23.22 27.39 -30.70
CA ALA D 190 21.90 26.93 -31.08
C ALA D 190 21.25 27.91 -32.03
N THR D 191 20.59 27.38 -33.07
CA THR D 191 19.86 28.21 -34.01
C THR D 191 18.35 27.94 -34.02
N VAL D 192 17.90 26.86 -33.41
CA VAL D 192 16.48 26.52 -33.36
C VAL D 192 16.11 26.24 -31.91
N CYS D 193 15.12 26.96 -31.39
CA CYS D 193 14.71 26.83 -30.00
C CYS D 193 13.19 26.73 -29.92
N GLY D 194 12.74 25.96 -28.93
CA GLY D 194 11.33 25.90 -28.58
C GLY D 194 10.83 27.23 -28.06
N PRO D 195 9.50 27.41 -28.03
CA PRO D 195 8.95 28.70 -27.63
C PRO D 195 9.18 29.06 -26.16
N LYS D 196 9.75 28.16 -25.37
CA LYS D 196 9.92 28.38 -23.94
C LYS D 196 11.32 28.87 -23.58
N LYS D 197 12.12 29.07 -24.60
CA LYS D 197 13.48 29.66 -24.45
C LYS D 197 13.81 30.30 -25.80
N SER D 198 13.24 31.48 -26.06
CA SER D 198 13.39 32.24 -27.32
C SER D 198 14.78 32.85 -27.48
N HIS D 199 15.54 32.96 -26.39
CA HIS D 199 16.93 33.51 -26.43
C HIS D 199 16.94 34.85 -27.16
N GLU E 1 -0.44 19.79 -6.95
CA GLU E 1 -0.91 18.45 -7.28
C GLU E 1 -2.02 18.52 -8.33
N VAL E 2 -2.15 17.46 -9.13
CA VAL E 2 -3.15 17.38 -10.18
C VAL E 2 -4.32 16.54 -9.68
N GLN E 3 -5.51 17.13 -9.69
CA GLN E 3 -6.74 16.46 -9.25
C GLN E 3 -7.79 16.58 -10.32
N LEU E 4 -8.34 15.45 -10.75
CA LEU E 4 -9.36 15.38 -11.80
C LEU E 4 -10.61 14.75 -11.22
N VAL E 5 -11.43 15.57 -10.58
CA VAL E 5 -12.66 15.09 -9.94
C VAL E 5 -13.78 15.15 -10.97
N GLU E 6 -14.40 13.99 -11.23
CA GLU E 6 -15.51 13.92 -12.18
C GLU E 6 -16.83 14.04 -11.43
N SER E 7 -17.80 14.70 -12.07
CA SER E 7 -19.15 14.84 -11.53
C SER E 7 -20.13 14.53 -12.65
N GLY E 8 -20.76 13.36 -12.59
CA GLY E 8 -21.64 12.92 -13.65
C GLY E 8 -22.95 12.31 -13.17
N GLY E 9 -23.49 11.35 -13.93
CA GLY E 9 -24.76 10.76 -13.64
C GLY E 9 -24.65 9.38 -13.01
N GLY E 10 -25.82 8.78 -12.77
CA GLY E 10 -25.89 7.47 -12.15
C GLY E 10 -26.65 6.46 -12.97
N VAL E 11 -27.92 6.23 -12.63
CA VAL E 11 -28.79 5.31 -13.35
C VAL E 11 -29.65 6.09 -14.33
N VAL E 12 -29.82 5.55 -15.53
CA VAL E 12 -30.52 6.26 -16.60
C VAL E 12 -31.07 5.22 -17.58
N GLN E 13 -32.07 5.66 -18.42
CA GLN E 13 -32.80 4.84 -19.38
C GLN E 13 -32.27 5.07 -20.79
N PRO E 14 -32.36 4.05 -21.65
CA PRO E 14 -31.94 4.21 -23.05
C PRO E 14 -32.76 5.28 -23.77
N GLY E 15 -32.06 6.24 -24.37
CA GLY E 15 -32.68 7.35 -25.08
C GLY E 15 -32.48 8.70 -24.44
N ARG E 16 -32.04 8.78 -23.19
CA ARG E 16 -31.83 10.05 -22.50
C ARG E 16 -30.50 10.68 -22.90
N SER E 17 -30.31 11.92 -22.46
CA SER E 17 -29.08 12.69 -22.73
C SER E 17 -28.41 12.96 -21.39
N LEU E 18 -27.45 12.12 -21.02
CA LEU E 18 -26.71 12.28 -19.79
C LEU E 18 -25.44 13.09 -20.04
N ARG E 19 -25.00 13.79 -19.00
CA ARG E 19 -23.83 14.66 -19.07
C ARG E 19 -22.88 14.33 -17.93
N LEU E 20 -21.67 13.89 -18.27
CA LEU E 20 -20.59 13.80 -17.32
C LEU E 20 -19.77 15.08 -17.35
N SER E 21 -19.02 15.32 -16.28
CA SER E 21 -18.14 16.47 -16.19
C SER E 21 -16.88 16.07 -15.44
N CYS E 22 -15.80 16.82 -15.67
CA CYS E 22 -14.52 16.58 -15.02
C CYS E 22 -13.97 17.92 -14.56
N ALA E 23 -13.66 18.02 -13.28
CA ALA E 23 -13.14 19.25 -12.69
C ALA E 23 -11.62 19.22 -12.69
N ALA E 24 -11.01 20.29 -13.21
CA ALA E 24 -9.57 20.32 -13.46
C ALA E 24 -8.88 21.14 -12.38
N SER E 25 -7.96 20.49 -11.66
CA SER E 25 -7.25 21.11 -10.55
C SER E 25 -5.76 20.84 -10.65
N GLY E 26 -4.96 21.90 -10.59
CA GLY E 26 -3.53 21.77 -10.39
C GLY E 26 -2.65 21.90 -11.60
N PHE E 27 -3.20 22.26 -12.76
CA PHE E 27 -2.39 22.41 -13.96
C PHE E 27 -3.11 23.35 -14.90
N THR E 28 -2.35 23.92 -15.85
CA THR E 28 -2.95 24.80 -16.84
C THR E 28 -3.84 24.01 -17.78
N PHE E 29 -5.12 23.88 -17.40
CA PHE E 29 -6.05 23.04 -18.15
C PHE E 29 -6.18 23.48 -19.59
N SER E 30 -6.06 24.78 -19.85
CA SER E 30 -6.25 25.32 -21.20
C SER E 30 -5.15 24.88 -22.18
N SER E 31 -4.16 24.12 -21.72
CA SER E 31 -3.06 23.71 -22.59
C SER E 31 -2.77 22.22 -22.51
N TYR E 32 -3.71 21.43 -21.97
CA TYR E 32 -3.60 19.99 -21.94
C TYR E 32 -4.71 19.35 -22.77
N GLY E 33 -4.37 18.29 -23.49
CA GLY E 33 -5.39 17.43 -24.05
C GLY E 33 -6.01 16.55 -22.98
N MET E 34 -7.25 16.13 -23.22
CA MET E 34 -8.01 15.40 -22.20
C MET E 34 -8.67 14.17 -22.80
N HIS E 35 -8.65 13.07 -22.05
CA HIS E 35 -9.26 11.82 -22.43
C HIS E 35 -10.45 11.49 -21.53
N TRP E 36 -11.31 10.60 -22.03
CA TRP E 36 -12.27 9.87 -21.23
C TRP E 36 -12.02 8.39 -21.45
N VAL E 37 -11.98 7.62 -20.37
CA VAL E 37 -11.77 6.18 -20.45
C VAL E 37 -12.94 5.48 -19.76
N ARG E 38 -13.36 4.35 -20.31
CA ARG E 38 -14.45 3.56 -19.74
C ARG E 38 -13.90 2.28 -19.12
N GLN E 39 -14.50 1.88 -18.00
CA GLN E 39 -14.31 0.54 -17.45
C GLN E 39 -15.68 0.00 -17.12
N ALA E 40 -16.24 -0.79 -18.03
CA ALA E 40 -17.49 -1.47 -17.76
C ALA E 40 -17.31 -2.40 -16.57
N PRO E 41 -18.31 -2.53 -15.69
CA PRO E 41 -18.14 -3.33 -14.48
C PRO E 41 -17.70 -4.75 -14.80
N GLY E 42 -16.65 -5.20 -14.12
CA GLY E 42 -16.11 -6.53 -14.37
C GLY E 42 -15.43 -6.70 -15.72
N LYS E 43 -15.08 -5.60 -16.39
CA LYS E 43 -14.44 -5.64 -17.69
C LYS E 43 -13.25 -4.70 -17.69
N GLY E 44 -12.44 -4.79 -18.75
CA GLY E 44 -11.20 -4.06 -18.82
C GLY E 44 -11.37 -2.61 -19.26
N LEU E 45 -10.23 -1.92 -19.36
CA LEU E 45 -10.23 -0.53 -19.79
C LEU E 45 -10.50 -0.43 -21.29
N GLU E 46 -11.13 0.66 -21.69
CA GLU E 46 -11.40 0.94 -23.10
C GLU E 46 -11.47 2.45 -23.28
N TRP E 47 -10.67 2.96 -24.21
CA TRP E 47 -10.68 4.39 -24.50
C TRP E 47 -12.01 4.79 -25.13
N VAL E 48 -12.45 6.00 -24.80
CA VAL E 48 -13.77 6.49 -25.22
C VAL E 48 -13.62 7.65 -26.19
N ALA E 49 -13.12 8.77 -25.69
CA ALA E 49 -13.00 9.96 -26.51
C ALA E 49 -11.80 10.78 -26.03
N VAL E 50 -11.42 11.76 -26.85
CA VAL E 50 -10.31 12.65 -26.54
C VAL E 50 -10.62 14.00 -27.15
N ILE E 51 -10.02 15.05 -26.59
CA ILE E 51 -10.12 16.39 -27.13
C ILE E 51 -8.79 17.09 -26.91
N SER E 52 -8.38 17.90 -27.89
CA SER E 52 -7.15 18.66 -27.77
C SER E 52 -7.33 19.83 -26.80
N TYR E 53 -6.21 20.47 -26.48
CA TYR E 53 -6.25 21.66 -25.63
C TYR E 53 -7.06 22.76 -26.27
N ASP E 54 -6.88 22.97 -27.58
CA ASP E 54 -7.60 23.97 -28.35
C ASP E 54 -9.10 23.70 -28.43
N GLY E 55 -9.52 22.44 -28.22
CA GLY E 55 -10.89 22.07 -28.51
C GLY E 55 -11.05 21.88 -30.00
N SER E 56 -9.98 22.18 -30.75
CA SER E 56 -10.06 22.19 -32.19
C SER E 56 -10.33 20.80 -32.76
N ASN E 57 -9.88 19.76 -32.08
CA ASN E 57 -9.98 18.40 -32.60
C ASN E 57 -10.52 17.46 -31.54
N LYS E 58 -11.49 16.64 -31.93
CA LYS E 58 -12.10 15.65 -31.06
C LYS E 58 -12.11 14.32 -31.79
N TYR E 59 -11.89 13.23 -31.05
CA TYR E 59 -11.80 11.91 -31.65
C TYR E 59 -12.47 10.89 -30.75
N TYR E 60 -13.34 10.09 -31.33
CA TYR E 60 -14.18 9.14 -30.59
C TYR E 60 -13.84 7.72 -31.00
N ALA E 61 -14.03 6.79 -30.05
CA ALA E 61 -13.95 5.38 -30.37
C ALA E 61 -15.16 4.99 -31.22
N ASP E 62 -14.94 4.07 -32.15
CA ASP E 62 -16.03 3.61 -33.01
C ASP E 62 -17.17 2.99 -32.22
N SER E 63 -16.90 2.56 -30.98
CA SER E 63 -17.96 2.03 -30.13
C SER E 63 -18.96 3.09 -29.71
N VAL E 64 -18.60 4.38 -29.82
CA VAL E 64 -19.47 5.47 -29.40
C VAL E 64 -19.57 6.58 -30.42
N LYS E 65 -18.97 6.42 -31.60
CA LYS E 65 -18.92 7.50 -32.57
C LYS E 65 -20.33 7.85 -33.07
N GLY E 66 -20.63 9.15 -33.08
CA GLY E 66 -21.91 9.65 -33.50
C GLY E 66 -22.88 9.91 -32.36
N ARG E 67 -22.72 9.20 -31.24
CA ARG E 67 -23.63 9.28 -30.11
C ARG E 67 -23.15 10.23 -29.02
N PHE E 68 -21.90 10.12 -28.63
CA PHE E 68 -21.35 10.98 -27.58
C PHE E 68 -20.73 12.24 -28.18
N THR E 69 -20.41 13.20 -27.32
CA THR E 69 -19.82 14.46 -27.77
C THR E 69 -19.02 15.04 -26.61
N ILE E 70 -17.70 14.93 -26.69
CA ILE E 70 -16.80 15.50 -25.69
C ILE E 70 -16.59 16.98 -25.99
N SER E 71 -16.42 17.77 -24.93
CA SER E 71 -16.18 19.20 -25.06
C SER E 71 -15.54 19.70 -23.77
N ARG E 72 -15.23 20.99 -23.73
CA ARG E 72 -14.54 21.53 -22.57
C ARG E 72 -14.75 23.04 -22.50
N ASP E 73 -14.52 23.58 -21.31
CA ASP E 73 -14.53 25.01 -21.04
C ASP E 73 -13.18 25.36 -20.43
N ASN E 74 -12.37 26.14 -21.16
CA ASN E 74 -11.04 26.47 -20.68
C ASN E 74 -11.07 27.46 -19.51
N SER E 75 -12.08 28.33 -19.47
CA SER E 75 -12.16 29.32 -18.40
C SER E 75 -12.77 28.77 -17.12
N LYS E 76 -13.56 27.71 -17.21
CA LYS E 76 -14.13 27.06 -16.03
C LYS E 76 -13.44 25.74 -15.71
N ASN E 77 -12.39 25.38 -16.46
CA ASN E 77 -11.59 24.18 -16.21
C ASN E 77 -12.48 22.93 -16.12
N THR E 78 -13.35 22.77 -17.12
CA THR E 78 -14.31 21.67 -17.14
C THR E 78 -14.17 20.88 -18.43
N LEU E 79 -14.34 19.57 -18.31
CA LEU E 79 -14.34 18.65 -19.45
C LEU E 79 -15.64 17.86 -19.40
N TYR E 80 -16.45 17.97 -20.45
CA TYR E 80 -17.76 17.34 -20.48
C TYR E 80 -17.77 16.14 -21.42
N LEU E 81 -18.78 15.30 -21.25
CA LEU E 81 -19.03 14.17 -22.14
C LEU E 81 -20.54 14.03 -22.28
N GLN E 82 -21.09 14.58 -23.35
CA GLN E 82 -22.53 14.57 -23.59
C GLN E 82 -22.92 13.21 -24.15
N MET E 83 -23.55 12.38 -23.31
CA MET E 83 -23.91 11.02 -23.69
C MET E 83 -25.35 11.01 -24.18
N ASN E 84 -25.51 11.02 -25.51
CA ASN E 84 -26.80 10.86 -26.15
C ASN E 84 -26.94 9.45 -26.71
N SER E 85 -28.19 9.03 -26.88
CA SER E 85 -28.52 7.70 -27.41
C SER E 85 -27.95 6.60 -26.51
N LEU E 86 -28.24 6.72 -25.22
CA LEU E 86 -27.77 5.72 -24.26
C LEU E 86 -28.31 4.34 -24.61
N ARG E 87 -27.46 3.33 -24.45
CA ARG E 87 -27.85 1.97 -24.79
C ARG E 87 -27.72 1.07 -23.57
N ALA E 88 -27.16 -0.12 -23.74
CA ALA E 88 -26.86 -1.00 -22.63
C ALA E 88 -25.39 -1.37 -22.53
N GLU E 89 -24.61 -1.15 -23.59
CA GLU E 89 -23.19 -1.46 -23.55
C GLU E 89 -22.40 -0.37 -22.86
N ASP E 90 -22.90 0.87 -22.89
CA ASP E 90 -22.24 2.03 -22.29
C ASP E 90 -22.24 2.00 -20.77
N THR E 91 -22.70 0.92 -20.15
CA THR E 91 -22.69 0.78 -18.70
C THR E 91 -21.25 0.64 -18.22
N ALA E 92 -20.74 1.64 -17.50
CA ALA E 92 -19.34 1.65 -17.12
C ALA E 92 -19.09 2.76 -16.11
N VAL E 93 -17.93 2.67 -15.45
CA VAL E 93 -17.33 3.82 -14.80
C VAL E 93 -16.67 4.67 -15.88
N TYR E 94 -16.61 5.98 -15.66
CA TYR E 94 -16.11 6.91 -16.65
C TYR E 94 -14.94 7.70 -16.06
N TYR E 95 -13.76 7.08 -16.06
CA TYR E 95 -12.56 7.78 -15.63
C TYR E 95 -12.20 8.88 -16.62
N CYS E 96 -11.53 9.91 -16.11
CA CYS E 96 -11.15 11.10 -16.87
C CYS E 96 -9.66 11.31 -16.65
N ALA E 97 -8.86 10.89 -17.61
CA ALA E 97 -7.40 10.90 -17.49
C ALA E 97 -6.80 12.09 -18.23
N ASN E 98 -5.54 12.37 -17.92
CA ASN E 98 -4.87 13.61 -18.29
C ASN E 98 -3.85 13.36 -19.40
N GLY E 99 -3.84 14.25 -20.38
CA GLY E 99 -2.85 14.17 -21.44
C GLY E 99 -1.44 14.35 -20.91
N PHE E 100 -0.52 13.46 -21.27
CA PHE E 100 0.83 13.54 -20.74
C PHE E 100 1.61 14.67 -21.42
N GLY E 101 2.17 15.56 -20.63
CA GLY E 101 2.87 16.72 -21.14
C GLY E 101 1.89 17.78 -21.62
N GLU E 102 2.36 19.01 -21.80
CA GLU E 102 1.49 20.04 -22.36
C GLU E 102 1.17 19.70 -23.82
N TYR E 103 -0.11 19.82 -24.17
CA TYR E 103 -0.64 19.67 -25.52
C TYR E 103 -0.78 18.22 -25.97
N TYR E 104 0.27 17.42 -25.85
CA TYR E 104 0.24 16.07 -26.39
C TYR E 104 -0.75 15.19 -25.63
N TYR E 105 -1.50 14.38 -26.38
CA TYR E 105 -2.51 13.50 -25.78
C TYR E 105 -2.35 12.05 -26.19
N TYR E 106 -1.14 11.62 -26.57
CA TYR E 106 -0.95 10.22 -26.93
C TYR E 106 -0.86 9.31 -25.71
N ALA E 107 -0.56 9.86 -24.54
CA ALA E 107 -0.48 9.09 -23.30
C ALA E 107 -1.34 9.77 -22.24
N MET E 108 -1.77 8.97 -21.26
CA MET E 108 -2.54 9.47 -20.13
C MET E 108 -1.59 9.74 -18.96
N ASP E 109 -1.81 10.88 -18.29
CA ASP E 109 -0.97 11.26 -17.16
C ASP E 109 -1.67 10.95 -15.84
N VAL E 110 -2.51 11.87 -15.37
CA VAL E 110 -3.22 11.72 -14.11
C VAL E 110 -4.65 11.30 -14.40
N TRP E 111 -5.13 10.28 -13.69
CA TRP E 111 -6.47 9.73 -13.88
C TRP E 111 -7.41 10.25 -12.80
N GLY E 112 -8.65 10.49 -13.20
CA GLY E 112 -9.67 10.90 -12.26
C GLY E 112 -10.11 9.77 -11.35
N GLN E 113 -11.08 10.10 -10.48
CA GLN E 113 -11.56 9.11 -9.52
C GLN E 113 -12.58 8.16 -10.15
N GLY E 114 -13.47 8.68 -10.99
CA GLY E 114 -14.33 7.84 -11.80
C GLY E 114 -15.79 7.78 -11.41
N THR E 115 -16.62 8.56 -12.10
CA THR E 115 -18.06 8.48 -11.89
C THR E 115 -18.62 7.21 -12.54
N THR E 116 -19.56 6.58 -11.86
CA THR E 116 -20.18 5.34 -12.33
C THR E 116 -21.48 5.65 -13.05
N VAL E 117 -21.68 5.03 -14.21
CA VAL E 117 -22.91 5.16 -14.98
C VAL E 117 -23.44 3.76 -15.25
N THR E 118 -24.63 3.48 -14.74
CA THR E 118 -25.36 2.24 -15.00
C THR E 118 -26.61 2.58 -15.81
N VAL E 119 -26.79 1.92 -16.94
CA VAL E 119 -27.96 2.14 -17.77
C VAL E 119 -28.94 1.01 -17.53
N SER E 120 -30.15 1.39 -17.11
CA SER E 120 -31.22 0.43 -16.81
C SER E 120 -31.56 -0.45 -18.02
N ASN F 1 -7.80 -4.09 -36.88
CA ASN F 1 -7.05 -2.94 -36.39
C ASN F 1 -5.98 -3.39 -35.40
N PHE F 2 -5.18 -2.43 -34.92
CA PHE F 2 -4.12 -2.76 -33.98
C PHE F 2 -4.71 -3.28 -32.67
N MET F 3 -4.19 -4.41 -32.21
CA MET F 3 -4.66 -5.06 -31.00
C MET F 3 -3.48 -5.31 -30.06
N LEU F 4 -3.75 -5.23 -28.77
CA LEU F 4 -2.77 -5.54 -27.74
C LEU F 4 -3.25 -6.74 -26.94
N THR F 5 -2.40 -7.75 -26.81
CA THR F 5 -2.75 -9.00 -26.16
C THR F 5 -1.83 -9.22 -24.97
N GLN F 6 -2.38 -9.12 -23.77
CA GLN F 6 -1.74 -9.47 -22.51
C GLN F 6 -2.28 -10.81 -22.02
N PRO F 7 -1.51 -11.54 -21.21
CA PRO F 7 -2.06 -12.68 -20.51
C PRO F 7 -3.19 -12.24 -19.57
N HIS F 8 -4.04 -13.21 -19.24
CA HIS F 8 -5.17 -12.95 -18.34
C HIS F 8 -4.72 -12.85 -16.89
N SER F 9 -3.67 -13.58 -16.51
CA SER F 9 -3.25 -13.64 -15.12
C SER F 9 -1.79 -14.06 -15.05
N VAL F 10 -1.16 -13.73 -13.91
CA VAL F 10 0.20 -14.15 -13.63
C VAL F 10 0.40 -14.08 -12.12
N SER F 11 1.37 -14.84 -11.62
CA SER F 11 1.66 -14.85 -10.20
C SER F 11 3.08 -15.34 -10.00
N GLU F 12 3.80 -14.69 -9.08
CA GLU F 12 5.16 -15.06 -8.75
C GLU F 12 5.41 -14.75 -7.28
N SER F 13 6.61 -15.07 -6.81
CA SER F 13 6.96 -14.92 -5.41
C SER F 13 7.43 -13.49 -5.12
N PRO F 14 7.05 -12.96 -3.96
CA PRO F 14 7.62 -11.68 -3.50
C PRO F 14 9.14 -11.72 -3.52
N GLY F 15 9.75 -10.55 -3.69
CA GLY F 15 11.19 -10.44 -3.65
C GLY F 15 11.91 -10.86 -4.92
N LYS F 16 11.18 -11.22 -5.97
CA LYS F 16 11.82 -11.57 -7.24
C LYS F 16 11.21 -10.80 -8.40
N THR F 17 11.05 -11.45 -9.55
CA THR F 17 10.75 -10.74 -10.80
C THR F 17 9.58 -11.37 -11.53
N VAL F 18 8.60 -10.54 -11.88
CA VAL F 18 7.51 -10.88 -12.77
C VAL F 18 7.70 -10.09 -14.06
N THR F 19 6.92 -10.46 -15.08
CA THR F 19 7.09 -9.84 -16.40
C THR F 19 5.76 -9.91 -17.17
N ILE F 20 4.96 -8.88 -17.05
CA ILE F 20 3.68 -8.84 -17.75
C ILE F 20 3.83 -8.61 -19.25
N SER F 21 3.09 -9.38 -20.03
CA SER F 21 3.29 -9.39 -21.46
C SER F 21 2.28 -8.47 -22.15
N CYS F 22 2.70 -7.92 -23.30
CA CYS F 22 1.87 -7.04 -24.12
C CYS F 22 2.39 -7.18 -25.56
N THR F 23 1.86 -8.15 -26.29
CA THR F 23 2.29 -8.45 -27.63
C THR F 23 1.34 -7.80 -28.64
N GLY F 24 1.91 -7.20 -29.68
CA GLY F 24 1.14 -6.50 -30.67
C GLY F 24 0.70 -7.41 -31.81
N SER F 25 -0.51 -7.16 -32.31
CA SER F 25 -1.03 -7.79 -33.51
C SER F 25 -1.41 -6.71 -34.50
N SER F 26 -1.33 -7.03 -35.79
CA SER F 26 -1.72 -6.14 -36.87
C SER F 26 -1.09 -4.76 -36.71
N GLY F 27 0.21 -4.75 -36.54
CA GLY F 27 0.97 -3.51 -36.38
C GLY F 27 2.20 -3.73 -35.55
N SER F 28 3.21 -2.89 -35.79
CA SER F 28 4.49 -2.96 -35.10
C SER F 28 4.41 -2.16 -33.79
N ILE F 29 4.72 -2.82 -32.68
CA ILE F 29 4.55 -2.19 -31.37
C ILE F 29 5.62 -1.13 -31.10
N ALA F 30 6.77 -1.22 -31.77
CA ALA F 30 7.83 -0.24 -31.57
C ALA F 30 7.63 1.03 -32.38
N SER F 31 6.53 1.13 -33.13
CA SER F 31 6.26 2.35 -33.90
C SER F 31 5.62 3.44 -33.06
N ASN F 32 5.00 3.10 -31.94
CA ASN F 32 4.33 4.09 -31.10
C ASN F 32 4.65 3.81 -29.64
N TYR F 33 4.55 4.86 -28.83
CA TYR F 33 4.88 4.76 -27.41
C TYR F 33 3.95 3.80 -26.69
N VAL F 34 4.53 2.93 -25.87
CA VAL F 34 3.79 2.00 -25.03
C VAL F 34 3.75 2.56 -23.61
N GLN F 35 2.55 2.66 -23.05
CA GLN F 35 2.36 3.06 -21.66
C GLN F 35 1.83 1.88 -20.86
N TRP F 36 1.97 1.98 -19.55
CA TRP F 36 1.47 0.97 -18.62
C TRP F 36 0.71 1.66 -17.50
N TYR F 37 -0.51 1.19 -17.24
CA TYR F 37 -1.33 1.72 -16.16
C TYR F 37 -1.64 0.60 -15.17
N GLN F 38 -1.86 1.00 -13.92
CA GLN F 38 -2.13 0.08 -12.82
C GLN F 38 -3.41 0.51 -12.12
N ARG F 39 -4.31 -0.44 -11.90
CA ARG F 39 -5.55 -0.18 -11.20
C ARG F 39 -5.63 -1.12 -10.00
N ARG F 40 -5.33 -0.60 -8.82
CA ARG F 40 -5.41 -1.39 -7.61
C ARG F 40 -6.86 -1.77 -7.31
N PRO F 41 -7.07 -2.91 -6.63
CA PRO F 41 -8.44 -3.30 -6.27
C PRO F 41 -9.21 -2.18 -5.59
N GLY F 42 -10.28 -1.72 -6.24
CA GLY F 42 -11.08 -0.63 -5.70
C GLY F 42 -10.55 0.74 -6.06
N SER F 43 -9.26 0.86 -6.29
CA SER F 43 -8.63 2.15 -6.50
C SER F 43 -8.67 2.54 -7.97
N ALA F 44 -8.52 3.86 -8.22
CA ALA F 44 -8.51 4.45 -9.54
C ALA F 44 -7.17 4.21 -10.23
N PRO F 45 -7.16 4.13 -11.56
CA PRO F 45 -5.93 3.76 -12.27
C PRO F 45 -4.85 4.82 -12.15
N THR F 46 -3.60 4.38 -12.24
CA THR F 46 -2.46 5.28 -12.13
C THR F 46 -1.42 4.92 -13.16
N THR F 47 -0.79 5.95 -13.73
CA THR F 47 0.27 5.73 -14.70
C THR F 47 1.50 5.17 -14.00
N VAL F 48 1.93 3.99 -14.43
CA VAL F 48 3.13 3.37 -13.88
C VAL F 48 4.31 3.44 -14.85
N ILE F 49 4.06 3.36 -16.15
CA ILE F 49 5.09 3.51 -17.17
C ILE F 49 4.54 4.35 -18.31
N TYR F 50 5.34 5.31 -18.78
CA TYR F 50 5.01 6.08 -19.97
C TYR F 50 6.22 6.07 -20.90
N GLU F 51 5.96 6.35 -22.17
CA GLU F 51 6.99 6.40 -23.20
C GLU F 51 7.92 5.19 -23.11
N ASP F 52 7.30 4.00 -23.19
CA ASP F 52 7.98 2.72 -23.26
C ASP F 52 8.64 2.29 -21.95
N ASN F 53 9.49 3.15 -21.36
CA ASN F 53 10.31 2.69 -20.24
C ASN F 53 10.50 3.73 -19.14
N GLN F 54 9.65 4.75 -19.07
CA GLN F 54 9.84 5.84 -18.13
C GLN F 54 8.91 5.67 -16.94
N ARG F 55 9.45 5.89 -15.73
CA ARG F 55 8.67 5.85 -14.51
C ARG F 55 8.28 7.26 -14.13
N PRO F 56 6.99 7.57 -13.94
CA PRO F 56 6.63 8.86 -13.36
C PRO F 56 7.18 8.98 -11.95
N SER F 57 7.26 10.22 -11.47
CA SER F 57 7.77 10.49 -10.13
C SER F 57 6.95 9.74 -9.10
N GLY F 58 7.62 8.90 -8.30
CA GLY F 58 6.99 8.13 -7.26
C GLY F 58 7.01 6.63 -7.49
N VAL F 59 7.19 6.19 -8.73
CA VAL F 59 7.21 4.76 -9.06
C VAL F 59 8.59 4.20 -8.75
N PRO F 60 8.70 3.22 -7.86
CA PRO F 60 10.02 2.67 -7.52
C PRO F 60 10.65 1.95 -8.69
N ASP F 61 11.99 1.84 -8.62
CA ASP F 61 12.76 1.23 -9.69
C ASP F 61 12.41 -0.22 -9.92
N ARG F 62 11.67 -0.85 -9.01
CA ARG F 62 11.20 -2.20 -9.23
C ARG F 62 10.49 -2.31 -10.57
N PHE F 63 9.64 -1.34 -10.88
CA PHE F 63 8.95 -1.30 -12.16
C PHE F 63 9.92 -0.94 -13.27
N SER F 64 10.14 -1.87 -14.19
CA SER F 64 10.88 -1.62 -15.40
C SER F 64 10.02 -2.02 -16.59
N ALA F 65 10.40 -1.54 -17.77
CA ALA F 65 9.66 -1.85 -18.98
C ALA F 65 10.58 -1.72 -20.17
N SER F 66 10.47 -2.64 -21.11
CA SER F 66 11.28 -2.63 -22.32
C SER F 66 10.37 -2.85 -23.53
N ILE F 67 10.99 -2.86 -24.71
CA ILE F 67 10.33 -3.19 -25.96
C ILE F 67 11.20 -4.21 -26.68
N ASP F 68 10.58 -5.17 -27.35
CA ASP F 68 11.28 -6.17 -28.15
C ASP F 68 10.54 -6.30 -29.48
N SER F 69 11.02 -5.55 -30.48
CA SER F 69 10.32 -5.50 -31.77
C SER F 69 10.41 -6.83 -32.51
N SER F 70 11.48 -7.61 -32.27
CA SER F 70 11.61 -8.89 -32.95
C SER F 70 10.49 -9.84 -32.57
N SER F 71 9.96 -9.72 -31.35
CA SER F 71 8.78 -10.46 -30.94
C SER F 71 7.53 -9.59 -30.92
N ASN F 72 7.66 -8.29 -31.19
CA ASN F 72 6.53 -7.35 -31.26
C ASN F 72 5.80 -7.26 -29.93
N SER F 73 6.57 -7.05 -28.86
CA SER F 73 6.02 -7.11 -27.51
C SER F 73 6.68 -6.08 -26.61
N ALA F 74 5.90 -5.60 -25.63
CA ALA F 74 6.39 -4.81 -24.52
C ALA F 74 6.25 -5.63 -23.24
N SER F 75 7.19 -5.44 -22.32
CA SER F 75 7.27 -6.24 -21.11
C SER F 75 7.33 -5.35 -19.89
N LEU F 76 6.48 -5.62 -18.90
CA LEU F 76 6.50 -4.92 -17.63
C LEU F 76 7.13 -5.81 -16.58
N THR F 77 8.31 -5.42 -16.11
CA THR F 77 9.07 -6.18 -15.11
C THR F 77 8.97 -5.47 -13.77
N ILE F 78 8.36 -6.14 -12.79
CA ILE F 78 8.26 -5.64 -11.42
C ILE F 78 9.14 -6.48 -10.53
N SER F 79 9.89 -5.83 -9.64
CA SER F 79 10.78 -6.49 -8.71
C SER F 79 10.25 -6.34 -7.29
N GLY F 80 10.89 -7.06 -6.37
CA GLY F 80 10.55 -7.04 -4.96
C GLY F 80 9.06 -7.00 -4.69
N LEU F 81 8.35 -8.03 -5.17
CA LEU F 81 6.90 -7.99 -5.23
C LEU F 81 6.29 -7.80 -3.84
N LYS F 82 5.59 -6.69 -3.66
CA LYS F 82 4.98 -6.34 -2.39
C LYS F 82 3.47 -6.48 -2.45
N THR F 83 2.82 -6.34 -1.30
CA THR F 83 1.37 -6.45 -1.25
C THR F 83 0.69 -5.37 -2.08
N GLU F 84 1.36 -4.22 -2.29
CA GLU F 84 0.73 -3.15 -3.04
C GLU F 84 0.77 -3.39 -4.55
N ASP F 85 1.60 -4.32 -5.02
CA ASP F 85 1.66 -4.62 -6.44
C ASP F 85 0.49 -5.48 -6.91
N GLU F 86 -0.35 -5.96 -5.99
CA GLU F 86 -1.55 -6.69 -6.39
C GLU F 86 -2.54 -5.71 -7.02
N ALA F 87 -2.79 -5.86 -8.33
CA ALA F 87 -3.59 -4.91 -9.07
C ALA F 87 -3.81 -5.43 -10.49
N ASP F 88 -4.71 -4.74 -11.20
CA ASP F 88 -4.85 -4.92 -12.63
C ASP F 88 -3.82 -4.08 -13.37
N TYR F 89 -3.30 -4.62 -14.47
CA TYR F 89 -2.32 -3.92 -15.26
C TYR F 89 -2.78 -3.87 -16.71
N TYR F 90 -2.62 -2.71 -17.33
CA TYR F 90 -3.03 -2.48 -18.71
C TYR F 90 -1.89 -1.80 -19.45
N CYS F 91 -1.44 -2.42 -20.53
CA CYS F 91 -0.59 -1.69 -21.45
C CYS F 91 -1.46 -0.85 -22.38
N GLN F 92 -0.86 0.20 -22.94
CA GLN F 92 -1.61 1.13 -23.77
C GLN F 92 -0.73 1.67 -24.87
N SER F 93 -1.31 1.89 -26.04
CA SER F 93 -0.63 2.55 -27.14
C SER F 93 -1.69 3.32 -27.93
N TYR F 94 -1.39 3.64 -29.18
CA TYR F 94 -2.24 4.49 -29.99
C TYR F 94 -2.01 4.16 -31.45
N ASP F 95 -3.08 4.25 -32.24
CA ASP F 95 -3.03 3.90 -33.66
C ASP F 95 -3.97 4.87 -34.40
N SER F 96 -3.40 5.94 -34.92
CA SER F 96 -4.15 7.01 -35.56
C SER F 96 -5.22 7.54 -34.61
N SER F 97 -6.49 7.33 -34.97
CA SER F 97 -7.62 7.86 -34.21
C SER F 97 -8.05 6.96 -33.07
N ASN F 98 -7.30 5.90 -32.76
CA ASN F 98 -7.68 4.93 -31.74
C ASN F 98 -6.60 4.83 -30.69
N TRP F 99 -7.01 4.87 -29.43
CA TRP F 99 -6.14 4.53 -28.30
C TRP F 99 -6.46 3.11 -27.86
N VAL F 100 -5.42 2.31 -27.66
CA VAL F 100 -5.56 0.86 -27.56
C VAL F 100 -5.05 0.41 -26.20
N PHE F 101 -5.89 -0.30 -25.45
CA PHE F 101 -5.49 -0.95 -24.21
C PHE F 101 -5.43 -2.46 -24.42
N GLY F 102 -4.48 -3.10 -23.75
CA GLY F 102 -4.50 -4.54 -23.67
C GLY F 102 -5.70 -5.02 -22.86
N GLY F 103 -5.97 -6.32 -22.99
CA GLY F 103 -7.11 -6.88 -22.27
C GLY F 103 -7.00 -6.69 -20.76
N GLY F 104 -5.82 -6.92 -20.21
CA GLY F 104 -5.60 -6.73 -18.79
C GLY F 104 -4.95 -7.93 -18.13
N THR F 105 -4.02 -7.66 -17.21
CA THR F 105 -3.36 -8.70 -16.43
C THR F 105 -3.57 -8.40 -14.96
N LYS F 106 -4.26 -9.30 -14.26
CA LYS F 106 -4.32 -9.24 -12.81
C LYS F 106 -3.10 -9.97 -12.26
N LEU F 107 -2.19 -9.22 -11.64
CA LEU F 107 -1.01 -9.80 -11.00
C LEU F 107 -1.29 -9.98 -9.53
N THR F 108 -1.29 -11.23 -9.06
CA THR F 108 -1.55 -11.56 -7.67
C THR F 108 -0.24 -11.99 -7.02
N VAL F 109 0.06 -11.40 -5.87
CA VAL F 109 1.30 -11.67 -5.16
C VAL F 109 1.14 -12.84 -4.21
C1 NAG G . -30.20 11.88 29.89
C2 NAG G . -30.15 13.40 29.63
C3 NAG G . -31.33 13.84 28.76
C4 NAG G . -31.47 12.98 27.51
C5 NAG G . -31.54 11.52 27.95
C6 NAG G . -31.67 10.53 26.80
C7 NAG G . -29.08 14.67 31.45
C8 NAG G . -29.29 15.38 32.76
N2 NAG G . -30.17 14.12 30.89
O3 NAG G . -31.15 15.21 28.39
O4 NAG G . -32.65 13.37 26.81
O5 NAG G . -30.35 11.18 28.66
O6 NAG G . -30.87 10.90 25.68
O7 NAG G . -27.98 14.62 30.91
C1 NAG G . -32.53 13.46 25.35
C2 NAG G . -33.76 14.19 24.80
C3 NAG G . -33.70 14.23 23.28
C4 NAG G . -32.37 14.78 22.78
C5 NAG G . -31.18 14.11 23.49
C6 NAG G . -29.87 14.81 23.20
C7 NAG G . -35.78 14.13 26.19
C8 NAG G . -37.02 13.36 26.54
N2 NAG G . -34.99 13.57 25.26
O3 NAG G . -34.77 15.03 22.79
O4 NAG G . -32.25 14.53 21.38
O5 NAG G . -31.34 14.13 24.92
O6 NAG G . -29.69 15.96 24.01
O7 NAG G . -35.51 15.21 26.70
C1 BMA G . -32.40 15.74 20.61
C2 BMA G . -31.45 15.65 19.40
C3 BMA G . -31.59 16.92 18.55
C4 BMA G . -33.07 17.21 18.19
C5 BMA G . -33.97 17.14 19.45
C6 BMA G . -35.45 17.22 19.10
O2 BMA G . -31.79 14.56 18.55
O3 BMA G . -30.83 16.83 17.35
O4 BMA G . -33.17 18.50 17.62
O5 BMA G . -33.74 15.90 20.15
O6 BMA G . -36.19 16.65 20.16
C1 FUC G . -29.65 10.13 25.72
C2 FUC G . -29.85 8.86 24.84
C3 FUC G . -28.52 8.14 24.50
C4 FUC G . -27.32 8.70 25.27
C5 FUC G . -27.27 10.25 25.17
C6 FUC G . -26.41 10.89 26.25
O2 FUC G . -30.59 9.13 23.66
O3 FUC G . -28.64 6.75 24.80
O4 FUC G . -27.35 8.30 26.64
O5 FUC G . -28.56 10.91 25.26
C1 NAG H . 0.81 24.72 -45.22
C2 NAG H . -0.29 25.60 -45.85
C3 NAG H . 0.15 27.07 -45.88
C4 NAG H . 0.60 27.52 -44.49
C5 NAG H . 1.70 26.58 -43.99
C6 NAG H . 2.19 26.91 -42.60
C7 NAG H . -1.71 24.45 -47.48
C8 NAG H . -1.89 24.05 -48.92
N2 NAG H . -0.61 25.14 -47.19
O3 NAG H . -0.91 27.89 -46.35
O4 NAG H . 1.03 28.87 -44.51
O5 NAG H . 1.17 25.25 -43.94
O6 NAG H . 1.11 27.03 -41.68
O7 NAG H . -2.53 24.13 -46.62
C1 NAG H . 0.21 29.54 -43.50
C2 NAG H . 0.94 30.80 -42.99
C3 NAG H . 0.09 31.46 -41.90
C4 NAG H . -1.33 31.71 -42.38
C5 NAG H . -1.94 30.46 -43.03
C6 NAG H . -3.27 30.73 -43.71
C7 NAG H . 3.38 30.83 -43.13
C8 NAG H . 4.67 30.43 -42.48
N2 NAG H . 2.26 30.48 -42.49
O3 NAG H . 0.70 32.69 -41.50
O4 NAG H . -2.15 32.08 -41.27
O5 NAG H . -1.07 29.92 -44.02
O6 NAG H . -3.51 29.80 -44.75
O7 NAG H . 3.36 31.45 -44.20
C1 FUC H . 1.05 25.87 -40.81
C2 FUC H . 1.19 26.41 -39.39
C3 FUC H . 0.93 25.30 -38.37
C4 FUC H . -0.44 24.61 -38.56
C5 FUC H . -0.82 24.35 -40.05
C6 FUC H . -0.68 22.89 -40.47
O2 FUC H . 0.32 27.52 -39.16
O3 FUC H . 1.93 24.27 -38.51
O4 FUC H . -0.48 23.39 -37.82
O5 FUC H . -0.16 25.18 -41.06
#